data_2J9Y
#
_entry.id   2J9Y
#
_cell.length_a   182.740
_cell.length_b   60.700
_cell.length_c   67.410
_cell.angle_alpha   90.00
_cell.angle_beta   94.83
_cell.angle_gamma   90.00
#
_symmetry.space_group_name_H-M   'C 1 2 1'
#
loop_
_entity.id
_entity.type
_entity.pdbx_description
1 polymer 'TRYPTOPHAN SYNTHASE ALPHA CHAIN'
2 polymer 'TRYPTOPHAN SYNTHASE BETA CHAIN'
3 non-polymer '(3E)-4-{3-HYDROXY-2-METHYL-5-[(PHOSPHONOOXY)METHYL]PYRIDIN-4-YL}-2-IMINOBUT-3-ENOIC ACID'
4 non-polymer 'SODIUM ION'
5 water water
#
loop_
_entity_poly.entity_id
_entity_poly.type
_entity_poly.pdbx_seq_one_letter_code
_entity_poly.pdbx_strand_id
1 'polypeptide(L)'
;MERYENLFAQLNDRREGAFVPFVTLGDPGIEQSLKIIDTLIDAGADALELGVPFSDPLADGPTIQNANLRAFAAGVTPAQ
CFEMLALIREKHPTIPIGLLMYANLVFNNGIDAFYARCEQVGVDSVLVADVPVEESAPFRQAALRHNIAPIFICPPNADD
DLLRQVASYGRGYTYLLSRSGVTGAENRGALPLHHLIEKLKEYHAAPALQGFGISSPEQVSAAVRAGAAGAISGSAIVKI
IEKNLASPKQMLAELRSFVSAMKAASRA
;
A
2 'polypeptide(L)'
;MTTLLNPYFGEFGGMYVPQILMPALNQLEEAFVSAQKDPEFQAQFADLLKNYAGRPTALTKCQNITAGTRTTLYLKREDL
LHGGAHKTNQVLGQALLAKRMGKSEIIAETGAGNHGVASALASALLGLKCRIYMGAKDVERQSPNVFRMRLMGAEVIPVH
SGSATLKDACNEALRDWSGSYETAHYMLGTAAGPHPYPTIVREFQRMIGEETKAQILDKEGRLPDAVIACVGGGSNAIGM
FADFINDTSVGLIGVEPGGHGIETGEHGAPLKHGRVGIYFGMKAPMMQTADGQIEESYSISAGLDFPSVGPQHAYLNSIG
RADYVSITDDEALEAFKTLCRHEGIIPALESSHALAHALKMMREQPEKEQLLVVNLSGRGDKDIFTVHDILKARGEI
;
B
#
loop_
_chem_comp.id
_chem_comp.type
_chem_comp.name
_chem_comp.formula
FOO non-polymer '(3E)-4-{3-HYDROXY-2-METHYL-5-[(PHOSPHONOOXY)METHYL]PYRIDIN-4-YL}-2-IMINOBUT-3-ENOIC ACID' 'C11 H13 N2 O7 P'
NA non-polymer 'SODIUM ION' 'Na 1'
#
# COMPACT_ATOMS: atom_id res chain seq x y z
N GLU A 2 -19.70 19.15 -18.61
CA GLU A 2 -20.77 20.05 -19.13
C GLU A 2 -21.30 21.01 -18.06
N ARG A 3 -21.58 20.47 -16.87
CA ARG A 3 -22.10 21.29 -15.78
C ARG A 3 -21.06 22.24 -15.19
N TYR A 4 -19.80 21.79 -15.11
CA TYR A 4 -18.74 22.65 -14.58
C TYR A 4 -18.58 23.84 -15.52
N GLU A 5 -18.59 23.57 -16.82
CA GLU A 5 -18.44 24.62 -17.83
C GLU A 5 -19.53 25.67 -17.67
N ASN A 6 -20.79 25.23 -17.60
CA ASN A 6 -21.91 26.14 -17.44
C ASN A 6 -21.76 26.93 -16.12
N LEU A 7 -21.34 26.24 -15.07
CA LEU A 7 -21.16 26.86 -13.76
C LEU A 7 -20.16 28.01 -13.80
N PHE A 8 -18.92 27.71 -14.16
CA PHE A 8 -17.89 28.74 -14.22
C PHE A 8 -18.29 29.86 -15.18
N ALA A 9 -18.98 29.51 -16.25
CA ALA A 9 -19.43 30.50 -17.22
C ALA A 9 -20.41 31.46 -16.55
N GLN A 10 -21.31 30.91 -15.74
CA GLN A 10 -22.30 31.72 -15.03
C GLN A 10 -21.64 32.46 -13.87
N LEU A 11 -20.67 31.82 -13.23
CA LEU A 11 -19.96 32.43 -12.11
C LEU A 11 -19.01 33.52 -12.59
N ASN A 12 -18.75 33.56 -13.89
CA ASN A 12 -17.87 34.57 -14.45
C ASN A 12 -18.68 35.80 -14.85
N ASP A 13 -19.93 35.58 -15.24
CA ASP A 13 -20.80 36.68 -15.63
C ASP A 13 -21.29 37.38 -14.37
N ARG A 14 -20.96 36.82 -13.22
CA ARG A 14 -21.36 37.39 -11.94
C ARG A 14 -20.16 37.84 -11.11
N ARG A 15 -18.98 37.85 -11.74
CA ARG A 15 -17.76 38.26 -11.07
C ARG A 15 -17.52 37.53 -9.76
N GLU A 16 -17.84 36.24 -9.72
CA GLU A 16 -17.65 35.49 -8.48
C GLU A 16 -16.93 34.17 -8.65
N GLY A 17 -16.50 33.59 -7.53
CA GLY A 17 -15.81 32.33 -7.55
C GLY A 17 -16.74 31.19 -7.18
N ALA A 18 -16.16 30.06 -6.77
CA ALA A 18 -16.95 28.91 -6.39
C ALA A 18 -16.56 28.38 -5.01
N PHE A 19 -17.50 27.70 -4.37
CA PHE A 19 -17.27 27.11 -3.06
C PHE A 19 -17.76 25.67 -3.07
N VAL A 20 -16.83 24.74 -3.20
CA VAL A 20 -17.16 23.32 -3.25
C VAL A 20 -16.87 22.57 -1.95
N PRO A 21 -17.92 22.09 -1.27
CA PRO A 21 -17.77 21.36 -0.02
C PRO A 21 -17.59 19.86 -0.28
N PHE A 22 -17.02 19.15 0.69
CA PHE A 22 -16.81 17.72 0.55
C PHE A 22 -17.39 16.92 1.72
N VAL A 23 -18.02 15.80 1.40
CA VAL A 23 -18.61 14.94 2.40
C VAL A 23 -18.58 13.48 1.94
N THR A 24 -18.64 12.56 2.89
CA THR A 24 -18.64 11.14 2.58
C THR A 24 -20.08 10.64 2.48
N LEU A 25 -20.38 9.90 1.41
CA LEU A 25 -21.71 9.36 1.19
C LEU A 25 -22.01 8.24 2.18
N GLY A 26 -23.25 8.22 2.67
CA GLY A 26 -23.66 7.19 3.62
C GLY A 26 -23.23 7.48 5.05
N ASP A 27 -22.68 8.67 5.27
CA ASP A 27 -22.22 9.08 6.58
C ASP A 27 -23.03 10.25 7.13
N PRO A 28 -23.57 10.11 8.36
CA PRO A 28 -23.47 8.93 9.22
C PRO A 28 -24.47 7.84 8.86
N GLY A 29 -25.25 8.09 7.82
CA GLY A 29 -26.23 7.12 7.38
C GLY A 29 -26.80 7.51 6.03
N ILE A 30 -27.55 6.61 5.40
CA ILE A 30 -28.14 6.89 4.10
C ILE A 30 -29.10 8.09 4.17
N GLU A 31 -30.03 8.04 5.12
CA GLU A 31 -31.01 9.12 5.28
C GLU A 31 -30.37 10.44 5.69
N GLN A 32 -29.60 10.43 6.77
CA GLN A 32 -28.94 11.63 7.26
C GLN A 32 -28.00 12.23 6.23
N SER A 33 -27.33 11.38 5.47
CA SER A 33 -26.40 11.84 4.43
C SER A 33 -27.14 12.64 3.36
N LEU A 34 -28.25 12.10 2.89
CA LEU A 34 -29.06 12.77 1.87
C LEU A 34 -29.52 14.13 2.38
N LYS A 35 -29.96 14.17 3.63
CA LYS A 35 -30.42 15.41 4.23
C LYS A 35 -29.25 16.40 4.38
N ILE A 36 -28.06 15.87 4.64
CA ILE A 36 -26.87 16.71 4.79
C ILE A 36 -26.56 17.42 3.48
N ILE A 37 -26.53 16.66 2.39
CA ILE A 37 -26.24 17.22 1.07
C ILE A 37 -27.28 18.24 0.62
N ASP A 38 -28.55 17.99 0.90
CA ASP A 38 -29.59 18.94 0.50
C ASP A 38 -29.36 20.26 1.24
N THR A 39 -28.93 20.15 2.50
CA THR A 39 -28.65 21.33 3.31
C THR A 39 -27.49 22.09 2.70
N LEU A 40 -26.43 21.36 2.35
CA LEU A 40 -25.24 21.95 1.75
C LEU A 40 -25.57 22.77 0.52
N ILE A 41 -26.44 22.24 -0.35
CA ILE A 41 -26.82 22.92 -1.57
C ILE A 41 -27.71 24.12 -1.27
N ASP A 42 -28.55 23.99 -0.25
CA ASP A 42 -29.45 25.07 0.14
C ASP A 42 -28.68 26.29 0.61
N ALA A 43 -27.62 26.06 1.37
CA ALA A 43 -26.79 27.14 1.91
C ALA A 43 -26.05 27.91 0.83
N GLY A 44 -25.53 27.23 -0.18
CA GLY A 44 -24.83 27.93 -1.24
C GLY A 44 -23.78 27.13 -2.00
N ALA A 45 -23.74 25.82 -1.78
CA ALA A 45 -22.79 24.96 -2.47
C ALA A 45 -22.92 25.13 -3.97
N ASP A 46 -21.83 25.57 -4.60
CA ASP A 46 -21.81 25.77 -6.05
C ASP A 46 -21.67 24.42 -6.75
N ALA A 47 -20.92 23.53 -6.12
CA ALA A 47 -20.69 22.18 -6.63
C ALA A 47 -20.45 21.26 -5.45
N LEU A 48 -20.42 19.97 -5.71
CA LEU A 48 -20.20 18.99 -4.65
C LEU A 48 -19.07 18.02 -4.98
N GLU A 49 -18.38 17.59 -3.93
CA GLU A 49 -17.30 16.62 -4.03
C GLU A 49 -17.70 15.55 -3.02
N LEU A 50 -18.15 14.40 -3.53
CA LEU A 50 -18.62 13.31 -2.68
C LEU A 50 -17.66 12.12 -2.67
N GLY A 51 -17.33 11.65 -1.48
CA GLY A 51 -16.43 10.52 -1.36
C GLY A 51 -17.15 9.19 -1.17
N VAL A 52 -16.65 8.14 -1.81
CA VAL A 52 -17.24 6.82 -1.69
C VAL A 52 -16.41 6.06 -0.66
N PRO A 53 -17.06 5.54 0.40
CA PRO A 53 -16.35 4.78 1.44
C PRO A 53 -15.47 3.66 0.93
N PHE A 54 -14.18 3.72 1.26
CA PHE A 54 -13.22 2.70 0.85
C PHE A 54 -12.63 2.05 2.11
N SER A 55 -12.47 0.73 2.07
CA SER A 55 -11.95 -0.03 3.21
C SER A 55 -10.60 0.44 3.75
N ASP A 56 -9.70 0.81 2.84
CA ASP A 56 -8.37 1.25 3.25
C ASP A 56 -7.95 2.56 2.61
N PRO A 57 -8.57 3.68 3.07
CA PRO A 57 -8.27 5.02 2.55
C PRO A 57 -6.89 5.46 3.03
N LEU A 58 -5.85 4.95 2.38
CA LEU A 58 -4.47 5.28 2.73
C LEU A 58 -4.05 6.69 2.37
N ALA A 59 -5.02 7.52 1.97
CA ALA A 59 -4.72 8.90 1.59
C ALA A 59 -5.62 9.91 2.31
N ASP A 60 -6.33 9.45 3.34
CA ASP A 60 -7.21 10.33 4.09
C ASP A 60 -6.87 10.35 5.57
N GLY A 61 -7.01 11.52 6.20
CA GLY A 61 -6.72 11.63 7.61
C GLY A 61 -7.75 10.93 8.48
N PRO A 62 -7.55 10.88 9.80
CA PRO A 62 -8.48 10.23 10.73
C PRO A 62 -9.92 10.71 10.53
N THR A 63 -10.06 12.01 10.29
CA THR A 63 -11.36 12.64 10.09
C THR A 63 -12.22 11.86 9.08
N ILE A 64 -11.67 11.63 7.89
CA ILE A 64 -12.39 10.92 6.84
C ILE A 64 -12.43 9.43 7.12
N GLN A 65 -11.42 8.91 7.79
CA GLN A 65 -11.37 7.48 8.13
C GLN A 65 -12.61 7.14 8.96
N ASN A 66 -12.90 7.97 9.96
CA ASN A 66 -14.05 7.76 10.84
C ASN A 66 -15.35 7.74 10.04
N ALA A 67 -15.47 8.67 9.10
CA ALA A 67 -16.64 8.78 8.25
C ALA A 67 -16.91 7.48 7.50
N ASN A 68 -15.85 6.92 6.91
CA ASN A 68 -15.97 5.67 6.19
C ASN A 68 -16.47 4.61 7.16
N LEU A 69 -15.82 4.51 8.30
CA LEU A 69 -16.21 3.55 9.32
C LEU A 69 -17.70 3.66 9.59
N ARG A 70 -18.18 4.90 9.77
CA ARG A 70 -19.59 5.13 10.02
C ARG A 70 -20.44 4.57 8.88
N ALA A 71 -20.06 4.89 7.64
CA ALA A 71 -20.79 4.41 6.48
C ALA A 71 -20.85 2.88 6.47
N PHE A 72 -19.70 2.26 6.68
CA PHE A 72 -19.62 0.80 6.72
C PHE A 72 -20.47 0.26 7.87
N ALA A 73 -20.51 1.03 8.95
CA ALA A 73 -21.30 0.66 10.12
C ALA A 73 -22.78 0.71 9.74
N ALA A 74 -23.08 1.47 8.70
CA ALA A 74 -24.44 1.62 8.21
C ALA A 74 -24.68 0.66 7.05
N GLY A 75 -23.69 -0.18 6.77
CA GLY A 75 -23.81 -1.14 5.67
C GLY A 75 -23.72 -0.46 4.32
N VAL A 76 -23.19 0.75 4.30
CA VAL A 76 -23.04 1.51 3.06
C VAL A 76 -22.05 0.85 2.13
N THR A 77 -22.41 0.80 0.85
CA THR A 77 -21.57 0.20 -0.16
C THR A 77 -21.54 1.06 -1.42
N PRO A 78 -20.58 0.80 -2.32
CA PRO A 78 -20.51 1.61 -3.54
C PRO A 78 -21.85 1.62 -4.27
N ALA A 79 -22.51 0.46 -4.28
CA ALA A 79 -23.80 0.32 -4.94
C ALA A 79 -24.84 1.27 -4.35
N GLN A 80 -24.93 1.33 -3.02
CA GLN A 80 -25.89 2.20 -2.39
C GLN A 80 -25.51 3.67 -2.59
N CYS A 81 -24.21 3.91 -2.77
CA CYS A 81 -23.74 5.27 -3.01
C CYS A 81 -24.28 5.74 -4.36
N PHE A 82 -24.25 4.85 -5.35
CA PHE A 82 -24.75 5.21 -6.68
C PHE A 82 -26.27 5.35 -6.66
N GLU A 83 -26.92 4.70 -5.72
CA GLU A 83 -28.37 4.80 -5.59
C GLU A 83 -28.65 6.22 -5.06
N MET A 84 -27.80 6.66 -4.15
CA MET A 84 -27.90 8.00 -3.56
C MET A 84 -27.64 9.08 -4.60
N LEU A 85 -26.58 8.90 -5.38
CA LEU A 85 -26.22 9.87 -6.41
C LEU A 85 -27.38 10.08 -7.38
N ALA A 86 -28.09 9.02 -7.72
CA ALA A 86 -29.23 9.12 -8.64
C ALA A 86 -30.33 9.96 -8.01
N LEU A 87 -30.50 9.81 -6.69
CA LEU A 87 -31.54 10.56 -5.97
C LEU A 87 -31.17 12.03 -5.87
N ILE A 88 -29.89 12.30 -5.63
CA ILE A 88 -29.41 13.66 -5.52
C ILE A 88 -29.55 14.36 -6.87
N ARG A 89 -29.17 13.66 -7.93
CA ARG A 89 -29.23 14.19 -9.28
C ARG A 89 -30.68 14.48 -9.70
N GLU A 90 -31.59 13.62 -9.27
CA GLU A 90 -33.01 13.76 -9.62
C GLU A 90 -33.62 15.02 -8.98
N LYS A 91 -33.09 15.43 -7.83
CA LYS A 91 -33.57 16.60 -7.11
C LYS A 91 -32.87 17.91 -7.51
N HIS A 92 -31.59 17.80 -7.86
CA HIS A 92 -30.77 18.95 -8.25
C HIS A 92 -30.18 18.66 -9.60
N PRO A 93 -30.84 19.11 -10.68
CA PRO A 93 -30.38 18.88 -12.05
C PRO A 93 -29.15 19.63 -12.58
N THR A 94 -28.82 20.79 -12.01
CA THR A 94 -27.70 21.55 -12.52
C THR A 94 -26.39 21.58 -11.72
N ILE A 95 -26.47 21.37 -10.41
CA ILE A 95 -25.26 21.41 -9.59
C ILE A 95 -24.22 20.37 -9.98
N PRO A 96 -22.97 20.81 -10.20
CA PRO A 96 -21.94 19.83 -10.57
C PRO A 96 -21.67 18.87 -9.41
N ILE A 97 -21.59 17.59 -9.73
CA ILE A 97 -21.32 16.58 -8.71
C ILE A 97 -20.02 15.87 -9.05
N GLY A 98 -19.07 15.93 -8.14
CA GLY A 98 -17.80 15.25 -8.37
C GLY A 98 -17.62 14.15 -7.37
N LEU A 99 -16.92 13.09 -7.77
CA LEU A 99 -16.67 11.97 -6.86
C LEU A 99 -15.20 11.87 -6.54
N LEU A 100 -14.90 11.50 -5.30
CA LEU A 100 -13.52 11.30 -4.83
C LEU A 100 -13.43 9.81 -4.66
N MET A 101 -12.68 9.16 -5.54
CA MET A 101 -12.55 7.71 -5.52
C MET A 101 -11.14 7.21 -5.26
N TYR A 102 -11.07 5.94 -4.87
CA TYR A 102 -9.81 5.27 -4.68
C TYR A 102 -9.77 4.33 -5.87
N ALA A 103 -8.59 4.18 -6.45
CA ALA A 103 -8.39 3.36 -7.64
C ALA A 103 -9.10 2.02 -7.69
N ASN A 104 -8.98 1.23 -6.63
CA ASN A 104 -9.60 -0.09 -6.68
C ASN A 104 -11.11 -0.09 -6.87
N LEU A 105 -11.80 0.91 -6.32
CA LEU A 105 -13.25 0.98 -6.49
C LEU A 105 -13.63 1.31 -7.93
N VAL A 106 -12.70 1.91 -8.67
CA VAL A 106 -12.96 2.24 -10.06
C VAL A 106 -12.53 1.08 -10.97
N PHE A 107 -11.42 0.47 -10.63
CA PHE A 107 -10.84 -0.65 -11.39
C PHE A 107 -11.58 -1.98 -11.20
N ASN A 108 -12.17 -2.15 -10.02
CA ASN A 108 -12.87 -3.38 -9.65
C ASN A 108 -13.73 -4.10 -10.69
N ASN A 109 -14.80 -3.46 -11.16
CA ASN A 109 -15.67 -4.10 -12.12
C ASN A 109 -15.42 -3.62 -13.54
N GLY A 110 -14.21 -3.12 -13.78
CA GLY A 110 -13.86 -2.62 -15.10
C GLY A 110 -13.90 -1.11 -15.05
N ILE A 111 -12.85 -0.47 -15.53
CA ILE A 111 -12.77 1.00 -15.51
C ILE A 111 -13.86 1.61 -16.37
N ASP A 112 -14.03 1.08 -17.58
CA ASP A 112 -15.03 1.61 -18.49
C ASP A 112 -16.44 1.52 -17.88
N ALA A 113 -16.74 0.38 -17.26
CA ALA A 113 -18.05 0.17 -16.62
C ALA A 113 -18.31 1.15 -15.49
N PHE A 114 -17.25 1.52 -14.76
CA PHE A 114 -17.42 2.44 -13.66
C PHE A 114 -17.83 3.82 -14.17
N TYR A 115 -17.09 4.33 -15.15
CA TYR A 115 -17.41 5.64 -15.68
C TYR A 115 -18.76 5.65 -16.37
N ALA A 116 -19.16 4.50 -16.92
CA ALA A 116 -20.46 4.38 -17.58
C ALA A 116 -21.54 4.60 -16.52
N ARG A 117 -21.36 3.97 -15.36
CA ARG A 117 -22.31 4.10 -14.26
C ARG A 117 -22.37 5.56 -13.81
N CYS A 118 -21.23 6.22 -13.80
CA CYS A 118 -21.18 7.63 -13.39
C CYS A 118 -22.01 8.47 -14.35
N GLU A 119 -21.83 8.26 -15.66
CA GLU A 119 -22.57 9.02 -16.66
C GLU A 119 -24.07 8.73 -16.51
N GLN A 120 -24.39 7.46 -16.32
CA GLN A 120 -25.75 6.99 -16.16
C GLN A 120 -26.47 7.66 -14.98
N VAL A 121 -25.76 7.79 -13.86
CA VAL A 121 -26.35 8.38 -12.67
C VAL A 121 -26.34 9.90 -12.67
N GLY A 122 -25.47 10.50 -13.47
CA GLY A 122 -25.43 11.96 -13.52
C GLY A 122 -24.21 12.62 -12.89
N VAL A 123 -23.18 11.85 -12.60
CA VAL A 123 -21.94 12.36 -12.02
C VAL A 123 -21.21 13.18 -13.09
N ASP A 124 -20.53 14.25 -12.67
CA ASP A 124 -19.83 15.13 -13.59
C ASP A 124 -18.32 14.98 -13.66
N SER A 125 -17.70 14.60 -12.55
CA SER A 125 -16.26 14.43 -12.53
C SER A 125 -15.86 13.36 -11.54
N VAL A 126 -14.63 12.89 -11.69
CA VAL A 126 -14.09 11.87 -10.81
C VAL A 126 -12.63 12.15 -10.56
N LEU A 127 -12.27 12.21 -9.29
CA LEU A 127 -10.89 12.43 -8.90
C LEU A 127 -10.47 11.12 -8.24
N VAL A 128 -9.49 10.43 -8.81
CA VAL A 128 -9.02 9.19 -8.21
C VAL A 128 -7.78 9.56 -7.41
N ALA A 129 -7.93 9.50 -6.08
CA ALA A 129 -6.87 9.87 -5.13
C ALA A 129 -5.50 9.23 -5.28
N ASP A 130 -5.45 7.95 -5.63
CA ASP A 130 -4.17 7.27 -5.76
C ASP A 130 -3.74 6.93 -7.19
N VAL A 131 -4.13 7.80 -8.13
CA VAL A 131 -3.75 7.62 -9.53
C VAL A 131 -3.07 8.90 -10.03
N PRO A 132 -1.73 8.96 -10.02
CA PRO A 132 -1.04 10.16 -10.51
C PRO A 132 -1.17 10.24 -12.03
N VAL A 133 -0.89 11.40 -12.61
CA VAL A 133 -1.02 11.55 -14.07
C VAL A 133 -0.25 10.46 -14.81
N GLU A 134 0.85 10.00 -14.21
CA GLU A 134 1.69 8.96 -14.77
C GLU A 134 0.95 7.66 -15.06
N GLU A 135 -0.04 7.34 -14.23
CA GLU A 135 -0.84 6.12 -14.36
C GLU A 135 -2.28 6.39 -14.79
N SER A 136 -2.60 7.64 -15.10
CA SER A 136 -3.95 8.05 -15.44
C SER A 136 -4.59 7.65 -16.77
N ALA A 137 -3.77 7.32 -17.76
CA ALA A 137 -4.26 6.98 -19.10
C ALA A 137 -5.62 6.26 -19.22
N PRO A 138 -5.72 5.00 -18.74
CA PRO A 138 -7.00 4.29 -18.86
C PRO A 138 -8.15 4.98 -18.16
N PHE A 139 -7.86 5.67 -17.07
CA PHE A 139 -8.89 6.36 -16.30
C PHE A 139 -9.43 7.59 -16.99
N ARG A 140 -8.55 8.49 -17.40
CA ARG A 140 -9.02 9.70 -18.05
C ARG A 140 -9.64 9.38 -19.41
N GLN A 141 -9.13 8.36 -20.09
CA GLN A 141 -9.69 7.99 -21.38
C GLN A 141 -11.11 7.47 -21.21
N ALA A 142 -11.34 6.62 -20.22
CA ALA A 142 -12.68 6.10 -19.98
C ALA A 142 -13.60 7.23 -19.54
N ALA A 143 -13.07 8.14 -18.73
CA ALA A 143 -13.86 9.28 -18.26
C ALA A 143 -14.35 10.09 -19.45
N LEU A 144 -13.41 10.48 -20.31
CA LEU A 144 -13.75 11.27 -21.49
C LEU A 144 -14.76 10.57 -22.40
N ARG A 145 -14.64 9.25 -22.54
CA ARG A 145 -15.56 8.51 -23.39
C ARG A 145 -16.97 8.55 -22.82
N HIS A 146 -17.10 8.74 -21.51
CA HIS A 146 -18.42 8.79 -20.90
C HIS A 146 -18.82 10.18 -20.43
N ASN A 147 -18.17 11.19 -21.01
CA ASN A 147 -18.47 12.58 -20.70
C ASN A 147 -18.29 12.95 -19.23
N ILE A 148 -17.28 12.34 -18.61
CA ILE A 148 -16.96 12.59 -17.22
C ILE A 148 -15.63 13.33 -17.20
N ALA A 149 -15.53 14.34 -16.34
CA ALA A 149 -14.30 15.12 -16.26
C ALA A 149 -13.29 14.47 -15.33
N PRO A 150 -12.08 14.20 -15.84
CA PRO A 150 -11.07 13.59 -14.95
C PRO A 150 -10.40 14.74 -14.20
N ILE A 151 -10.47 14.69 -12.87
CA ILE A 151 -9.89 15.73 -12.02
C ILE A 151 -8.51 15.32 -11.55
N PHE A 152 -7.55 16.23 -11.69
CA PHE A 152 -6.19 15.95 -11.27
C PHE A 152 -5.73 16.94 -10.20
N ILE A 153 -4.98 16.42 -9.24
CA ILE A 153 -4.47 17.25 -8.15
C ILE A 153 -3.11 17.87 -8.48
N CYS A 154 -3.02 19.17 -8.23
CA CYS A 154 -1.78 19.90 -8.45
C CYS A 154 -1.17 20.08 -7.06
N PRO A 155 -0.21 19.21 -6.70
CA PRO A 155 0.44 19.30 -5.39
C PRO A 155 1.29 20.56 -5.21
N PRO A 156 1.62 20.90 -3.96
CA PRO A 156 2.44 22.09 -3.71
C PRO A 156 3.86 21.91 -4.25
N ASN A 157 4.29 20.65 -4.32
CA ASN A 157 5.63 20.33 -4.82
C ASN A 157 5.61 19.97 -6.31
N ALA A 158 4.66 20.56 -7.03
CA ALA A 158 4.54 20.31 -8.47
C ALA A 158 5.59 21.09 -9.25
N ASP A 159 5.90 20.61 -10.46
CA ASP A 159 6.89 21.27 -11.31
C ASP A 159 6.24 21.65 -12.64
N ASP A 160 7.00 22.27 -13.52
CA ASP A 160 6.47 22.70 -14.82
C ASP A 160 5.91 21.54 -15.63
N ASP A 161 6.67 20.43 -15.68
CA ASP A 161 6.25 19.25 -16.42
C ASP A 161 4.86 18.81 -15.99
N LEU A 162 4.63 18.75 -14.68
CA LEU A 162 3.34 18.34 -14.15
C LEU A 162 2.25 19.33 -14.53
N LEU A 163 2.56 20.62 -14.45
CA LEU A 163 1.58 21.65 -14.79
C LEU A 163 1.02 21.46 -16.21
N ARG A 164 1.90 21.19 -17.16
CA ARG A 164 1.49 21.00 -18.54
C ARG A 164 0.63 19.76 -18.72
N GLN A 165 0.95 18.69 -18.01
CA GLN A 165 0.17 17.46 -18.10
C GLN A 165 -1.21 17.65 -17.49
N VAL A 166 -1.24 18.17 -16.27
CA VAL A 166 -2.50 18.41 -15.58
C VAL A 166 -3.38 19.31 -16.45
N ALA A 167 -2.77 20.36 -16.99
CA ALA A 167 -3.50 21.31 -17.84
C ALA A 167 -4.18 20.64 -19.02
N SER A 168 -3.47 19.75 -19.70
CA SER A 168 -4.04 19.08 -20.86
C SER A 168 -4.87 17.83 -20.59
N TYR A 169 -4.61 17.14 -19.48
CA TYR A 169 -5.34 15.93 -19.14
C TYR A 169 -6.65 16.17 -18.38
N GLY A 170 -6.64 17.17 -17.51
CA GLY A 170 -7.81 17.46 -16.70
C GLY A 170 -8.96 18.19 -17.36
N ARG A 171 -10.13 18.07 -16.74
CA ARG A 171 -11.36 18.72 -17.20
C ARG A 171 -12.15 19.15 -15.97
N GLY A 172 -13.19 19.93 -16.17
CA GLY A 172 -13.99 20.39 -15.05
C GLY A 172 -13.25 21.46 -14.28
N TYR A 173 -12.26 21.04 -13.49
CA TYR A 173 -11.46 21.98 -12.72
C TYR A 173 -10.15 21.33 -12.26
N THR A 174 -9.23 22.15 -11.78
CA THR A 174 -7.95 21.65 -11.30
C THR A 174 -7.93 21.73 -9.78
N TYR A 175 -7.70 20.60 -9.14
CA TYR A 175 -7.65 20.55 -7.68
C TYR A 175 -6.28 21.02 -7.23
N LEU A 176 -6.24 22.11 -6.48
CA LEU A 176 -4.99 22.66 -6.00
C LEU A 176 -4.78 22.36 -4.52
N LEU A 177 -3.59 21.90 -4.15
CA LEU A 177 -3.28 21.59 -2.76
C LEU A 177 -2.77 22.83 -2.05
N SER A 178 -3.08 22.94 -0.77
CA SER A 178 -2.66 24.08 0.05
C SER A 178 -1.24 24.50 -0.30
N HIS A 194 -0.12 31.97 -6.85
CA HIS A 194 -0.26 33.20 -7.63
C HIS A 194 0.36 32.99 -9.00
N HIS A 195 1.57 32.42 -9.01
CA HIS A 195 2.29 32.12 -10.24
C HIS A 195 1.79 30.76 -10.70
N LEU A 196 1.37 29.95 -9.74
CA LEU A 196 0.88 28.60 -10.02
C LEU A 196 -0.44 28.66 -10.75
N ILE A 197 -1.03 29.85 -10.85
CA ILE A 197 -2.30 30.02 -11.55
C ILE A 197 -1.99 30.59 -12.93
N GLU A 198 -0.85 31.27 -13.02
CA GLU A 198 -0.38 31.88 -14.25
C GLU A 198 -0.11 30.82 -15.31
N LYS A 199 0.71 29.84 -14.95
CA LYS A 199 1.06 28.75 -15.85
C LYS A 199 -0.18 28.00 -16.33
N LEU A 200 -0.99 27.53 -15.39
CA LEU A 200 -2.21 26.79 -15.69
C LEU A 200 -3.04 27.51 -16.74
N LYS A 201 -3.23 28.82 -16.55
CA LYS A 201 -4.00 29.61 -17.51
C LYS A 201 -3.26 29.68 -18.83
N GLU A 202 -1.93 29.80 -18.75
CA GLU A 202 -1.11 29.88 -19.96
C GLU A 202 -1.25 28.56 -20.74
N TYR A 203 -1.33 27.46 -20.01
CA TYR A 203 -1.47 26.15 -20.64
C TYR A 203 -2.92 25.82 -20.87
N HIS A 204 -3.82 26.72 -20.46
CA HIS A 204 -5.26 26.54 -20.64
C HIS A 204 -5.80 25.38 -19.81
N ALA A 205 -5.45 25.37 -18.52
CA ALA A 205 -5.90 24.33 -17.61
C ALA A 205 -7.32 24.56 -17.11
N ALA A 206 -8.03 23.47 -16.82
CA ALA A 206 -9.40 23.57 -16.33
C ALA A 206 -9.42 24.58 -15.18
N PRO A 207 -10.47 25.39 -15.10
CA PRO A 207 -10.57 26.39 -14.03
C PRO A 207 -9.98 25.86 -12.73
N ALA A 208 -8.94 26.53 -12.25
CA ALA A 208 -8.27 26.12 -11.03
C ALA A 208 -9.03 26.44 -9.75
N LEU A 209 -9.08 25.46 -8.86
CA LEU A 209 -9.74 25.59 -7.56
C LEU A 209 -8.73 25.27 -6.48
N GLN A 210 -8.63 26.14 -5.49
CA GLN A 210 -7.69 25.93 -4.39
C GLN A 210 -8.38 25.10 -3.31
N GLY A 211 -7.67 24.10 -2.79
CA GLY A 211 -8.23 23.26 -1.76
C GLY A 211 -7.26 23.09 -0.60
N PHE A 212 -7.56 22.15 0.29
CA PHE A 212 -6.71 21.88 1.45
C PHE A 212 -6.42 23.12 2.31
N GLY A 213 -6.94 23.10 3.53
CA GLY A 213 -6.71 24.23 4.43
C GLY A 213 -7.67 25.39 4.22
N ILE A 214 -8.58 25.25 3.27
CA ILE A 214 -9.54 26.30 2.97
C ILE A 214 -10.75 26.18 3.90
N SER A 215 -10.68 26.84 5.06
CA SER A 215 -11.76 26.79 6.04
C SER A 215 -12.24 28.16 6.52
N SER A 216 -11.90 29.21 5.78
CA SER A 216 -12.32 30.56 6.15
C SER A 216 -12.65 31.38 4.91
N PRO A 217 -13.61 32.31 5.03
CA PRO A 217 -14.04 33.17 3.93
C PRO A 217 -12.91 33.98 3.29
N GLU A 218 -11.96 34.44 4.12
CA GLU A 218 -10.83 35.22 3.62
C GLU A 218 -9.95 34.37 2.72
N GLN A 219 -9.79 33.10 3.09
CA GLN A 219 -8.97 32.17 2.31
C GLN A 219 -9.58 32.04 0.91
N VAL A 220 -10.91 32.07 0.86
CA VAL A 220 -11.64 31.96 -0.40
C VAL A 220 -11.44 33.24 -1.22
N SER A 221 -11.50 34.38 -0.55
CA SER A 221 -11.33 35.67 -1.20
C SER A 221 -9.95 35.79 -1.83
N ALA A 222 -8.91 35.51 -1.04
CA ALA A 222 -7.54 35.58 -1.51
C ALA A 222 -7.27 34.62 -2.67
N ALA A 223 -8.04 33.54 -2.72
CA ALA A 223 -7.89 32.55 -3.77
C ALA A 223 -8.39 33.11 -5.10
N VAL A 224 -9.50 33.84 -5.05
CA VAL A 224 -10.07 34.44 -6.25
C VAL A 224 -9.14 35.55 -6.74
N ARG A 225 -8.63 36.33 -5.79
CA ARG A 225 -7.72 37.42 -6.12
C ARG A 225 -6.42 36.88 -6.71
N ALA A 226 -6.06 35.66 -6.30
CA ALA A 226 -4.85 35.01 -6.77
C ALA A 226 -5.02 34.58 -8.23
N GLY A 227 -6.27 34.43 -8.65
CA GLY A 227 -6.55 34.03 -10.02
C GLY A 227 -7.32 32.73 -10.12
N ALA A 228 -7.70 32.16 -8.98
CA ALA A 228 -8.45 30.92 -8.96
C ALA A 228 -9.92 31.16 -9.29
N ALA A 229 -10.58 30.13 -9.83
CA ALA A 229 -11.99 30.23 -10.19
C ALA A 229 -12.86 30.01 -8.97
N GLY A 230 -12.24 29.59 -7.88
CA GLY A 230 -12.97 29.35 -6.65
C GLY A 230 -12.08 28.60 -5.67
N ALA A 231 -12.68 27.97 -4.68
CA ALA A 231 -11.91 27.23 -3.69
C ALA A 231 -12.70 26.06 -3.12
N ILE A 232 -12.02 24.93 -2.94
CA ILE A 232 -12.65 23.73 -2.39
C ILE A 232 -12.26 23.62 -0.93
N SER A 233 -13.23 23.33 -0.08
CA SER A 233 -12.99 23.19 1.34
C SER A 233 -13.07 21.71 1.68
N GLY A 234 -11.91 21.11 1.97
CA GLY A 234 -11.86 19.70 2.30
C GLY A 234 -12.66 19.32 3.54
N SER A 235 -11.94 18.84 4.54
CA SER A 235 -12.55 18.41 5.80
C SER A 235 -13.23 19.55 6.55
N ALA A 236 -13.06 20.78 6.06
CA ALA A 236 -13.66 21.94 6.69
C ALA A 236 -15.13 21.68 7.02
N ILE A 237 -15.81 20.98 6.12
CA ILE A 237 -17.22 20.64 6.30
C ILE A 237 -17.37 19.39 7.16
N VAL A 238 -16.50 18.41 6.92
CA VAL A 238 -16.52 17.16 7.67
C VAL A 238 -16.22 17.38 9.15
N LYS A 239 -15.36 18.36 9.43
CA LYS A 239 -15.00 18.69 10.79
C LYS A 239 -16.24 19.17 11.53
N ILE A 240 -17.13 19.85 10.82
CA ILE A 240 -18.37 20.36 11.41
C ILE A 240 -19.37 19.23 11.66
N ILE A 241 -19.43 18.27 10.74
CA ILE A 241 -20.33 17.14 10.87
C ILE A 241 -20.13 16.40 12.17
N GLU A 242 -18.92 15.85 12.35
CA GLU A 242 -18.59 15.08 13.54
C GLU A 242 -18.78 15.81 14.87
N LYS A 243 -18.52 17.12 14.88
CA LYS A 243 -18.65 17.89 16.12
C LYS A 243 -20.09 18.05 16.59
N ASN A 244 -21.04 17.70 15.73
CA ASN A 244 -22.45 17.79 16.06
C ASN A 244 -23.10 16.43 15.83
N LEU A 245 -22.30 15.38 15.98
CA LEU A 245 -22.76 14.02 15.76
C LEU A 245 -24.04 13.63 16.51
N ALA A 246 -24.00 13.71 17.84
CA ALA A 246 -25.14 13.35 18.66
C ALA A 246 -26.35 14.27 18.47
N SER A 247 -26.15 15.33 17.70
CA SER A 247 -27.23 16.29 17.45
C SER A 247 -27.45 16.56 15.96
N PRO A 248 -28.24 15.68 15.29
CA PRO A 248 -28.54 15.81 13.86
C PRO A 248 -29.14 17.16 13.50
N LYS A 249 -30.21 17.54 14.21
CA LYS A 249 -30.87 18.81 13.95
C LYS A 249 -29.96 20.01 14.16
N GLN A 250 -28.84 19.83 14.87
CA GLN A 250 -27.91 20.93 15.11
C GLN A 250 -26.87 20.99 13.99
N MET A 251 -26.42 19.81 13.58
CA MET A 251 -25.43 19.68 12.52
C MET A 251 -25.85 20.42 11.25
N LEU A 252 -27.10 20.19 10.85
CA LEU A 252 -27.64 20.81 9.63
C LEU A 252 -27.54 22.34 9.64
N ALA A 253 -28.05 22.96 10.70
CA ALA A 253 -28.01 24.41 10.84
C ALA A 253 -26.57 24.87 10.95
N GLU A 254 -25.74 24.06 11.62
CA GLU A 254 -24.33 24.37 11.79
C GLU A 254 -23.68 24.46 10.41
N LEU A 255 -24.07 23.55 9.54
CA LEU A 255 -23.53 23.49 8.18
C LEU A 255 -24.09 24.62 7.32
N ARG A 256 -25.40 24.89 7.45
CA ARG A 256 -26.03 25.95 6.68
C ARG A 256 -25.24 27.23 6.91
N SER A 257 -24.98 27.52 8.19
CA SER A 257 -24.24 28.72 8.57
C SER A 257 -22.91 28.86 7.83
N PHE A 258 -22.03 27.87 7.99
CA PHE A 258 -20.72 27.91 7.36
C PHE A 258 -20.76 28.08 5.84
N VAL A 259 -21.48 27.20 5.16
CA VAL A 259 -21.58 27.26 3.71
C VAL A 259 -21.96 28.66 3.23
N SER A 260 -23.08 29.17 3.72
CA SER A 260 -23.52 30.52 3.34
C SER A 260 -22.45 31.51 3.74
N ALA A 261 -21.84 31.26 4.90
CA ALA A 261 -20.77 32.13 5.41
C ALA A 261 -19.45 31.86 4.71
N MET A 262 -19.53 31.32 3.50
CA MET A 262 -18.33 31.02 2.70
C MET A 262 -18.55 31.37 1.24
N LYS A 263 -19.73 31.06 0.72
CA LYS A 263 -20.04 31.34 -0.67
C LYS A 263 -20.10 32.85 -0.86
N ALA A 264 -20.48 33.56 0.20
CA ALA A 264 -20.57 35.01 0.15
C ALA A 264 -19.18 35.59 -0.09
N ALA A 265 -18.16 34.90 0.42
CA ALA A 265 -16.78 35.34 0.27
C ALA A 265 -16.25 35.11 -1.15
N SER A 266 -17.12 34.67 -2.05
CA SER A 266 -16.72 34.43 -3.42
C SER A 266 -17.38 35.42 -4.38
N ARG A 267 -18.32 36.21 -3.86
CA ARG A 267 -19.03 37.19 -4.68
C ARG A 267 -18.27 38.51 -4.74
N ALA A 268 -18.02 39.10 -3.67
N THR B 2 7.38 9.18 -16.59
CA THR B 2 8.79 8.94 -17.01
C THR B 2 9.60 8.37 -15.85
N THR B 3 10.26 7.24 -16.09
CA THR B 3 11.09 6.59 -15.07
C THR B 3 12.33 6.01 -15.72
N LEU B 4 13.33 5.73 -14.89
CA LEU B 4 14.58 5.16 -15.38
C LEU B 4 14.43 3.65 -15.58
N LEU B 5 13.65 3.03 -14.69
CA LEU B 5 13.42 1.59 -14.73
C LEU B 5 11.96 1.27 -14.99
N ASN B 6 11.69 0.06 -15.45
CA ASN B 6 10.33 -0.36 -15.75
C ASN B 6 9.59 -0.58 -14.42
N PRO B 7 8.48 0.14 -14.21
CA PRO B 7 7.69 0.01 -12.97
C PRO B 7 6.79 -1.22 -12.93
N TYR B 8 6.67 -1.89 -14.07
CA TYR B 8 5.80 -3.06 -14.20
C TYR B 8 6.47 -4.40 -14.48
N PHE B 9 5.79 -5.45 -14.05
CA PHE B 9 6.20 -6.82 -14.28
C PHE B 9 4.92 -7.31 -14.97
N GLY B 10 4.93 -7.29 -16.30
CA GLY B 10 3.74 -7.67 -17.03
C GLY B 10 2.70 -6.63 -16.68
N GLU B 11 1.51 -7.07 -16.28
CA GLU B 11 0.43 -6.17 -15.93
C GLU B 11 0.53 -5.64 -14.49
N PHE B 12 1.38 -6.26 -13.69
CA PHE B 12 1.51 -5.93 -12.27
C PHE B 12 2.58 -4.93 -11.87
N GLY B 13 2.28 -4.11 -10.87
CA GLY B 13 3.24 -3.12 -10.40
C GLY B 13 2.71 -1.71 -10.52
N GLY B 14 3.56 -0.80 -10.99
CA GLY B 14 3.14 0.58 -11.16
C GLY B 14 3.44 1.46 -9.98
N MET B 15 2.92 2.68 -10.02
CA MET B 15 3.12 3.68 -8.97
C MET B 15 1.79 4.37 -8.70
N TYR B 16 0.87 3.63 -8.06
CA TYR B 16 -0.45 4.15 -7.75
C TYR B 16 -0.52 4.88 -6.42
N VAL B 17 0.11 6.04 -6.38
CA VAL B 17 0.15 6.86 -5.19
C VAL B 17 -0.34 8.28 -5.51
N PRO B 18 -0.71 9.04 -4.47
CA PRO B 18 -1.17 10.41 -4.70
C PRO B 18 -0.04 11.15 -5.43
N GLN B 19 -0.40 12.11 -6.27
CA GLN B 19 0.58 12.87 -7.03
C GLN B 19 1.70 13.45 -6.16
N ILE B 20 1.35 13.82 -4.93
CA ILE B 20 2.30 14.42 -4.00
C ILE B 20 3.50 13.55 -3.66
N LEU B 21 3.35 12.23 -3.79
CA LEU B 21 4.44 11.31 -3.47
C LEU B 21 5.31 10.90 -4.65
N MET B 22 4.92 11.30 -5.86
CA MET B 22 5.70 10.91 -7.03
C MET B 22 7.12 11.45 -7.00
N PRO B 23 7.32 12.70 -6.55
CA PRO B 23 8.70 13.20 -6.52
C PRO B 23 9.59 12.34 -5.61
N ALA B 24 9.04 11.89 -4.49
CA ALA B 24 9.79 11.06 -3.55
C ALA B 24 10.18 9.73 -4.20
N LEU B 25 9.26 9.15 -4.96
CA LEU B 25 9.52 7.89 -5.64
C LEU B 25 10.53 8.06 -6.77
N ASN B 26 10.44 9.17 -7.49
CA ASN B 26 11.37 9.40 -8.59
C ASN B 26 12.78 9.66 -8.05
N GLN B 27 12.86 10.36 -6.93
CA GLN B 27 14.14 10.68 -6.31
C GLN B 27 14.77 9.39 -5.81
N LEU B 28 13.95 8.55 -5.20
CA LEU B 28 14.42 7.27 -4.68
C LEU B 28 14.91 6.37 -5.81
N GLU B 29 14.20 6.37 -6.93
CA GLU B 29 14.61 5.55 -8.06
C GLU B 29 15.93 6.03 -8.62
N GLU B 30 16.11 7.34 -8.72
CA GLU B 30 17.34 7.88 -9.26
C GLU B 30 18.52 7.59 -8.34
N ALA B 31 18.29 7.73 -7.03
CA ALA B 31 19.33 7.47 -6.03
C ALA B 31 19.76 6.00 -6.12
N PHE B 32 18.77 5.12 -6.24
CA PHE B 32 19.03 3.69 -6.34
C PHE B 32 19.87 3.36 -7.57
N VAL B 33 19.46 3.88 -8.72
CA VAL B 33 20.18 3.61 -9.96
C VAL B 33 21.63 4.08 -9.83
N SER B 34 21.81 5.27 -9.27
CA SER B 34 23.13 5.83 -9.08
C SER B 34 23.97 4.94 -8.14
N ALA B 35 23.37 4.57 -7.01
CA ALA B 35 24.04 3.73 -6.03
C ALA B 35 24.47 2.39 -6.61
N GLN B 36 23.61 1.78 -7.41
CA GLN B 36 23.92 0.48 -8.01
C GLN B 36 25.15 0.53 -8.91
N LYS B 37 25.48 1.72 -9.41
CA LYS B 37 26.63 1.91 -10.28
C LYS B 37 27.86 2.39 -9.51
N ASP B 38 27.66 2.76 -8.25
CA ASP B 38 28.74 3.27 -7.43
C ASP B 38 29.49 2.19 -6.66
N PRO B 39 30.72 1.87 -7.09
CA PRO B 39 31.53 0.85 -6.43
C PRO B 39 31.74 1.15 -4.94
N GLU B 40 31.74 2.43 -4.61
CA GLU B 40 31.93 2.84 -3.22
C GLU B 40 30.71 2.48 -2.39
N PHE B 41 29.53 2.61 -2.99
CA PHE B 41 28.30 2.27 -2.28
C PHE B 41 28.25 0.76 -2.08
N GLN B 42 28.56 0.02 -3.14
CA GLN B 42 28.54 -1.43 -3.08
C GLN B 42 29.54 -1.97 -2.05
N ALA B 43 30.69 -1.34 -1.94
CA ALA B 43 31.71 -1.77 -0.99
C ALA B 43 31.26 -1.53 0.45
N GLN B 44 30.59 -0.42 0.67
CA GLN B 44 30.10 -0.08 2.00
C GLN B 44 28.99 -1.04 2.39
N PHE B 45 28.12 -1.33 1.43
CA PHE B 45 27.01 -2.24 1.65
C PHE B 45 27.57 -3.63 1.96
N ALA B 46 28.52 -4.08 1.15
CA ALA B 46 29.14 -5.39 1.36
C ALA B 46 29.82 -5.47 2.72
N ASP B 47 30.48 -4.39 3.11
CA ASP B 47 31.18 -4.33 4.39
C ASP B 47 30.21 -4.53 5.55
N LEU B 48 29.09 -3.81 5.53
CA LEU B 48 28.06 -3.93 6.56
C LEU B 48 27.47 -5.32 6.59
N LEU B 49 27.16 -5.86 5.41
CA LEU B 49 26.58 -7.20 5.34
C LEU B 49 27.51 -8.26 5.92
N LYS B 50 28.79 -8.13 5.63
CA LYS B 50 29.77 -9.11 6.07
C LYS B 50 30.19 -8.98 7.52
N ASN B 51 30.63 -7.78 7.89
CA ASN B 51 31.15 -7.53 9.22
C ASN B 51 30.19 -7.10 10.32
N TYR B 52 28.98 -6.72 9.94
CA TYR B 52 27.99 -6.29 10.92
C TYR B 52 26.82 -7.28 10.96
N ALA B 53 26.31 -7.64 9.77
CA ALA B 53 25.17 -8.55 9.69
C ALA B 53 25.58 -10.02 9.76
N GLY B 54 26.81 -10.33 9.36
CA GLY B 54 27.27 -11.71 9.43
C GLY B 54 27.19 -12.53 8.16
N ARG B 55 27.07 -11.90 7.00
CA ARG B 55 27.01 -12.68 5.75
C ARG B 55 28.42 -13.18 5.38
N PRO B 56 28.51 -14.30 4.64
CA PRO B 56 27.40 -15.10 4.14
C PRO B 56 26.80 -16.00 5.22
N THR B 57 25.54 -16.38 5.04
CA THR B 57 24.87 -17.25 5.99
C THR B 57 25.10 -18.69 5.53
N ALA B 58 25.07 -19.61 6.47
CA ALA B 58 25.29 -21.02 6.16
C ALA B 58 24.18 -21.63 5.31
N LEU B 59 24.50 -22.74 4.65
CA LEU B 59 23.54 -23.52 3.89
C LEU B 59 23.65 -24.86 4.60
N THR B 60 22.65 -25.18 5.40
CA THR B 60 22.65 -26.39 6.22
C THR B 60 21.93 -27.59 5.64
N LYS B 61 22.60 -28.74 5.61
CA LYS B 61 21.97 -29.94 5.10
C LYS B 61 21.23 -30.67 6.22
N CYS B 62 19.93 -30.90 6.04
CA CYS B 62 19.17 -31.63 7.04
C CYS B 62 19.64 -33.07 6.96
N GLN B 63 19.92 -33.69 8.09
CA GLN B 63 20.38 -35.07 8.05
C GLN B 63 19.50 -36.01 8.85
N ASN B 64 18.33 -35.52 9.24
CA ASN B 64 17.40 -36.35 9.98
C ASN B 64 15.99 -36.31 9.41
N ILE B 65 15.52 -35.14 9.02
CA ILE B 65 14.16 -35.03 8.52
C ILE B 65 13.86 -35.71 7.18
N THR B 66 14.89 -35.96 6.38
CA THR B 66 14.69 -36.61 5.09
C THR B 66 15.02 -38.11 5.13
N ALA B 67 15.26 -38.63 6.33
CA ALA B 67 15.59 -40.04 6.49
C ALA B 67 14.50 -40.91 5.85
N GLY B 68 14.93 -41.96 5.15
CA GLY B 68 13.97 -42.86 4.53
C GLY B 68 13.33 -42.35 3.25
N THR B 69 13.88 -41.27 2.69
CA THR B 69 13.34 -40.74 1.44
C THR B 69 14.50 -40.41 0.51
N ARG B 70 14.18 -40.06 -0.73
CA ARG B 70 15.22 -39.73 -1.69
C ARG B 70 15.32 -38.23 -1.88
N THR B 71 14.88 -37.50 -0.87
CA THR B 71 14.93 -36.05 -0.87
C THR B 71 16.16 -35.60 -0.10
N THR B 72 16.89 -34.64 -0.66
CA THR B 72 18.05 -34.07 0.02
C THR B 72 17.59 -32.63 0.23
N LEU B 73 17.55 -32.19 1.48
CA LEU B 73 17.08 -30.85 1.80
C LEU B 73 18.12 -29.96 2.47
N TYR B 74 18.30 -28.75 1.95
CA TYR B 74 19.21 -27.79 2.55
C TYR B 74 18.39 -26.59 3.00
N LEU B 75 18.81 -25.97 4.09
CA LEU B 75 18.13 -24.80 4.59
C LEU B 75 19.08 -23.61 4.47
N LYS B 76 18.64 -22.54 3.81
CA LYS B 76 19.47 -21.34 3.69
C LYS B 76 19.22 -20.63 5.02
N ARG B 77 20.28 -20.46 5.79
CA ARG B 77 20.18 -19.90 7.13
C ARG B 77 20.08 -18.39 7.37
N GLU B 78 19.01 -17.77 6.89
CA GLU B 78 18.86 -16.34 7.12
C GLU B 78 18.50 -16.12 8.60
N ASP B 79 18.19 -17.21 9.31
CA ASP B 79 17.88 -17.11 10.74
C ASP B 79 19.16 -16.75 11.51
N LEU B 80 20.31 -16.93 10.87
CA LEU B 80 21.59 -16.64 11.52
C LEU B 80 22.09 -15.21 11.28
N LEU B 81 21.31 -14.44 10.53
CA LEU B 81 21.66 -13.05 10.22
C LEU B 81 21.41 -12.20 11.46
N HIS B 82 22.20 -11.13 11.62
CA HIS B 82 22.01 -10.24 12.78
C HIS B 82 20.56 -9.76 12.68
N GLY B 83 19.84 -9.83 13.80
CA GLY B 83 18.44 -9.42 13.81
C GLY B 83 17.54 -10.66 13.85
N GLY B 84 18.01 -11.76 13.31
CA GLY B 84 17.23 -13.00 13.34
C GLY B 84 16.40 -13.29 12.10
N ALA B 85 16.46 -12.42 11.10
CA ALA B 85 15.70 -12.62 9.87
C ALA B 85 16.35 -11.94 8.66
N HIS B 86 15.90 -12.32 7.48
CA HIS B 86 16.43 -11.78 6.22
C HIS B 86 16.19 -10.28 6.06
N LYS B 87 15.24 -9.74 6.82
CA LYS B 87 14.88 -8.33 6.73
C LYS B 87 16.07 -7.39 6.83
N THR B 88 17.03 -7.79 7.65
CA THR B 88 18.24 -7.00 7.86
C THR B 88 19.01 -6.66 6.59
N ASN B 89 19.07 -7.60 5.65
CA ASN B 89 19.80 -7.37 4.42
C ASN B 89 19.47 -6.07 3.71
N GLN B 90 18.21 -5.91 3.34
CA GLN B 90 17.83 -4.74 2.59
C GLN B 90 17.65 -3.46 3.38
N VAL B 91 17.47 -3.54 4.70
CA VAL B 91 17.35 -2.31 5.47
C VAL B 91 18.71 -1.63 5.47
N LEU B 92 19.78 -2.41 5.51
CA LEU B 92 21.12 -1.81 5.49
C LEU B 92 21.31 -1.06 4.17
N GLY B 93 20.87 -1.68 3.08
CA GLY B 93 20.97 -1.03 1.78
C GLY B 93 20.10 0.20 1.70
N GLN B 94 18.84 0.09 2.14
CA GLN B 94 17.94 1.23 2.10
C GLN B 94 18.41 2.35 3.01
N ALA B 95 19.00 1.99 4.14
CA ALA B 95 19.50 2.99 5.08
C ALA B 95 20.65 3.76 4.43
N LEU B 96 21.51 3.05 3.71
CA LEU B 96 22.63 3.70 3.02
C LEU B 96 22.09 4.62 1.93
N LEU B 97 20.97 4.22 1.30
CA LEU B 97 20.36 5.03 0.26
C LEU B 97 19.80 6.31 0.87
N ALA B 98 19.14 6.17 2.01
CA ALA B 98 18.58 7.33 2.69
C ALA B 98 19.68 8.35 2.93
N LYS B 99 20.81 7.89 3.44
CA LYS B 99 21.95 8.78 3.71
C LYS B 99 22.49 9.37 2.42
N ARG B 100 22.52 8.56 1.37
CA ARG B 100 23.02 9.01 0.07
C ARG B 100 22.17 10.18 -0.44
N MET B 101 20.88 10.14 -0.11
CA MET B 101 19.96 11.18 -0.54
C MET B 101 19.99 12.38 0.41
N GLY B 102 20.41 12.16 1.64
CA GLY B 102 20.49 13.24 2.61
C GLY B 102 19.38 13.23 3.63
N LYS B 103 18.64 12.12 3.71
CA LYS B 103 17.55 12.00 4.68
C LYS B 103 18.13 11.66 6.05
N SER B 104 17.46 12.09 7.10
CA SER B 104 17.93 11.84 8.46
C SER B 104 16.91 11.09 9.32
N GLU B 105 15.70 10.91 8.80
CA GLU B 105 14.66 10.20 9.53
C GLU B 105 14.25 8.95 8.77
N ILE B 106 13.63 8.02 9.48
CA ILE B 106 13.20 6.77 8.87
C ILE B 106 11.79 6.37 9.32
N ILE B 107 10.94 6.04 8.35
CA ILE B 107 9.58 5.59 8.63
C ILE B 107 9.51 4.15 8.15
N ALA B 108 8.87 3.29 8.93
CA ALA B 108 8.75 1.89 8.56
C ALA B 108 7.52 1.22 9.16
N GLU B 109 7.08 0.15 8.53
CA GLU B 109 5.92 -0.62 9.00
C GLU B 109 6.43 -2.03 9.28
N THR B 110 5.74 -2.78 10.12
CA THR B 110 6.18 -4.13 10.42
C THR B 110 5.05 -5.06 10.87
N GLY B 111 5.21 -6.35 10.59
CA GLY B 111 4.21 -7.33 10.98
C GLY B 111 4.74 -8.26 12.05
N ALA B 112 5.71 -9.09 11.69
CA ALA B 112 6.31 -10.02 12.65
C ALA B 112 7.27 -9.24 13.54
N GLY B 113 7.40 -7.95 13.26
CA GLY B 113 8.29 -7.09 14.04
C GLY B 113 9.74 -7.19 13.63
N ASN B 114 10.04 -8.10 12.70
CA ASN B 114 11.41 -8.27 12.24
C ASN B 114 11.89 -7.10 11.39
N HIS B 115 11.02 -6.59 10.52
CA HIS B 115 11.44 -5.47 9.70
C HIS B 115 11.58 -4.23 10.59
N GLY B 116 10.76 -4.18 11.63
CA GLY B 116 10.80 -3.05 12.54
C GLY B 116 12.13 -3.06 13.29
N VAL B 117 12.49 -4.22 13.82
CA VAL B 117 13.75 -4.37 14.54
C VAL B 117 14.93 -4.08 13.60
N ALA B 118 14.82 -4.58 12.36
CA ALA B 118 15.88 -4.35 11.39
C ALA B 118 16.00 -2.86 11.10
N SER B 119 14.87 -2.18 10.93
CA SER B 119 14.90 -0.74 10.65
C SER B 119 15.52 0.00 11.83
N ALA B 120 15.15 -0.40 13.05
CA ALA B 120 15.67 0.23 14.25
C ALA B 120 17.16 0.01 14.43
N LEU B 121 17.63 -1.23 14.25
CA LEU B 121 19.05 -1.49 14.41
C LEU B 121 19.88 -0.77 13.36
N ALA B 122 19.37 -0.73 12.13
CA ALA B 122 20.09 -0.05 11.06
C ALA B 122 20.18 1.45 11.36
N SER B 123 19.08 2.01 11.83
CA SER B 123 19.03 3.45 12.16
C SER B 123 19.97 3.78 13.30
N ALA B 124 20.04 2.91 14.30
CA ALA B 124 20.91 3.14 15.45
C ALA B 124 22.37 3.15 14.98
N LEU B 125 22.71 2.19 14.14
CA LEU B 125 24.07 2.08 13.62
C LEU B 125 24.49 3.22 12.69
N LEU B 126 23.57 3.64 11.82
CA LEU B 126 23.89 4.68 10.85
C LEU B 126 23.48 6.10 11.18
N GLY B 127 23.02 6.33 12.40
CA GLY B 127 22.63 7.67 12.82
C GLY B 127 21.39 8.26 12.16
N LEU B 128 20.32 7.50 12.14
CA LEU B 128 19.06 7.95 11.57
C LEU B 128 17.96 7.83 12.62
N LYS B 129 16.95 8.71 12.54
CA LYS B 129 15.84 8.64 13.47
C LYS B 129 14.90 7.58 12.91
N CYS B 130 14.08 6.96 13.74
CA CYS B 130 13.22 5.89 13.25
C CYS B 130 11.94 5.62 14.04
N ARG B 131 10.81 5.62 13.34
CA ARG B 131 9.52 5.33 13.97
C ARG B 131 8.83 4.19 13.22
N ILE B 132 8.36 3.20 13.98
CA ILE B 132 7.74 2.02 13.42
C ILE B 132 6.24 1.83 13.71
N TYR B 133 5.49 1.51 12.66
CA TYR B 133 4.05 1.27 12.78
C TYR B 133 3.83 -0.24 12.84
N MET B 134 3.07 -0.68 13.84
CA MET B 134 2.81 -2.11 14.00
C MET B 134 1.39 -2.39 14.46
N GLY B 135 0.73 -3.31 13.79
CA GLY B 135 -0.64 -3.65 14.15
C GLY B 135 -0.72 -4.12 15.59
N ALA B 136 -1.72 -3.60 16.30
CA ALA B 136 -1.92 -3.92 17.71
C ALA B 136 -1.98 -5.42 17.97
N LYS B 137 -2.51 -6.18 17.01
CA LYS B 137 -2.59 -7.64 17.17
C LYS B 137 -1.18 -8.22 17.16
N ASP B 138 -0.35 -7.73 16.24
CA ASP B 138 1.02 -8.21 16.12
C ASP B 138 1.87 -7.72 17.30
N VAL B 139 1.52 -6.54 17.83
CA VAL B 139 2.23 -6.00 18.98
C VAL B 139 2.16 -7.04 20.10
N GLU B 140 1.05 -7.78 20.14
CA GLU B 140 0.85 -8.80 21.17
C GLU B 140 1.45 -10.17 20.86
N ARG B 141 1.14 -10.74 19.68
CA ARG B 141 1.66 -12.05 19.34
C ARG B 141 3.13 -12.10 18.94
N GLN B 142 3.76 -10.92 18.83
CA GLN B 142 5.18 -10.83 18.47
C GLN B 142 5.87 -9.87 19.45
N SER B 143 5.35 -9.83 20.67
CA SER B 143 5.89 -8.95 21.72
C SER B 143 7.40 -8.88 21.86
N PRO B 144 8.12 -10.01 21.69
CA PRO B 144 9.58 -9.99 21.82
C PRO B 144 10.28 -8.96 20.94
N ASN B 145 9.79 -8.78 19.72
CA ASN B 145 10.40 -7.83 18.81
C ASN B 145 10.02 -6.40 19.17
N VAL B 146 8.91 -6.24 19.87
CA VAL B 146 8.47 -4.91 20.29
C VAL B 146 9.47 -4.37 21.30
N PHE B 147 9.88 -5.23 22.23
CA PHE B 147 10.84 -4.83 23.24
C PHE B 147 12.16 -4.47 22.56
N ARG B 148 12.67 -5.39 21.75
CA ARG B 148 13.93 -5.16 21.04
C ARG B 148 13.93 -3.81 20.31
N MET B 149 12.88 -3.53 19.55
CA MET B 149 12.79 -2.26 18.82
C MET B 149 12.97 -1.04 19.72
N ARG B 150 12.28 -1.05 20.85
CA ARG B 150 12.34 0.07 21.78
C ARG B 150 13.71 0.20 22.46
N LEU B 151 14.32 -0.92 22.81
CA LEU B 151 15.62 -0.89 23.44
C LEU B 151 16.65 -0.19 22.56
N MET B 152 16.47 -0.29 21.24
CA MET B 152 17.40 0.33 20.30
C MET B 152 17.08 1.77 19.93
N GLY B 153 16.14 2.38 20.66
CA GLY B 153 15.80 3.76 20.41
C GLY B 153 14.79 4.02 19.31
N ALA B 154 14.02 3.00 18.94
CA ALA B 154 13.02 3.17 17.89
C ALA B 154 11.65 3.40 18.52
N GLU B 155 10.85 4.26 17.90
CA GLU B 155 9.51 4.55 18.39
C GLU B 155 8.54 3.54 17.79
N VAL B 156 7.91 2.75 18.65
CA VAL B 156 6.95 1.73 18.21
C VAL B 156 5.53 2.27 18.36
N ILE B 157 4.81 2.36 17.26
CA ILE B 157 3.45 2.88 17.25
C ILE B 157 2.40 1.82 16.90
N PRO B 158 1.64 1.34 17.91
CA PRO B 158 0.61 0.34 17.71
C PRO B 158 -0.54 0.85 16.83
N VAL B 159 -0.95 0.02 15.86
CA VAL B 159 -2.03 0.40 14.97
C VAL B 159 -3.27 -0.44 15.25
N HIS B 160 -4.32 0.23 15.74
CA HIS B 160 -5.57 -0.44 16.08
C HIS B 160 -6.61 -0.39 14.96
N SER B 161 -6.27 0.26 13.86
CA SER B 161 -7.18 0.37 12.72
C SER B 161 -7.37 -0.96 12.00
N GLY B 162 -8.54 -1.12 11.37
CA GLY B 162 -8.84 -2.32 10.63
C GLY B 162 -8.61 -3.61 11.40
N SER B 163 -7.95 -4.57 10.77
CA SER B 163 -7.66 -5.86 11.38
C SER B 163 -6.48 -5.80 12.35
N ALA B 164 -5.93 -4.60 12.54
CA ALA B 164 -4.81 -4.39 13.45
C ALA B 164 -3.60 -5.25 13.12
N THR B 165 -3.31 -5.40 11.82
CA THR B 165 -2.18 -6.19 11.38
C THR B 165 -1.34 -5.47 10.32
N LEU B 166 -0.44 -6.20 9.67
CA LEU B 166 0.44 -5.62 8.66
C LEU B 166 -0.20 -4.62 7.71
N LYS B 167 -1.31 -5.01 7.07
CA LYS B 167 -2.02 -4.13 6.14
C LYS B 167 -2.29 -2.76 6.74
N ASP B 168 -2.80 -2.75 7.96
CA ASP B 168 -3.14 -1.51 8.67
C ASP B 168 -1.91 -0.69 9.02
N ALA B 169 -0.82 -1.37 9.37
CA ALA B 169 0.42 -0.65 9.68
C ALA B 169 0.90 0.01 8.39
N CYS B 170 0.75 -0.70 7.28
CA CYS B 170 1.17 -0.16 5.98
C CYS B 170 0.43 1.13 5.65
N ASN B 171 -0.90 1.10 5.81
CA ASN B 171 -1.71 2.27 5.53
C ASN B 171 -1.21 3.48 6.31
N GLU B 172 -0.91 3.28 7.59
CA GLU B 172 -0.43 4.38 8.43
C GLU B 172 0.92 4.92 7.97
N ALA B 173 1.84 4.01 7.63
CA ALA B 173 3.17 4.42 7.18
C ALA B 173 3.05 5.29 5.94
N LEU B 174 2.12 4.95 5.05
CA LEU B 174 1.90 5.72 3.83
C LEU B 174 1.31 7.09 4.16
N ARG B 175 0.32 7.12 5.04
CA ARG B 175 -0.32 8.38 5.43
C ARG B 175 0.75 9.28 6.05
N ASP B 176 1.61 8.70 6.87
CA ASP B 176 2.68 9.44 7.54
C ASP B 176 3.68 10.02 6.53
N TRP B 177 4.10 9.21 5.57
CA TRP B 177 5.07 9.65 4.57
C TRP B 177 4.49 10.73 3.66
N SER B 178 3.17 10.75 3.52
CA SER B 178 2.51 11.75 2.69
C SER B 178 2.72 13.14 3.27
N GLY B 179 3.05 13.19 4.55
CA GLY B 179 3.26 14.48 5.21
C GLY B 179 4.67 14.71 5.75
N SER B 180 5.51 13.68 5.72
CA SER B 180 6.87 13.82 6.23
C SER B 180 7.92 13.25 5.28
N TYR B 181 7.61 13.27 3.99
CA TYR B 181 8.50 12.74 2.96
C TYR B 181 9.71 13.62 2.64
N GLU B 182 9.75 14.83 3.20
CA GLU B 182 10.85 15.75 2.94
C GLU B 182 12.10 15.47 3.75
N THR B 183 11.92 14.99 4.97
CA THR B 183 13.07 14.71 5.83
C THR B 183 13.18 13.23 6.17
N ALA B 184 12.18 12.46 5.76
CA ALA B 184 12.18 11.04 6.07
C ALA B 184 12.09 10.13 4.86
N HIS B 185 12.79 9.01 4.93
CA HIS B 185 12.77 8.02 3.86
C HIS B 185 11.86 6.92 4.37
N TYR B 186 10.94 6.47 3.52
CA TYR B 186 10.04 5.40 3.91
C TYR B 186 10.74 4.10 3.55
N MET B 187 11.17 3.38 4.58
CA MET B 187 11.87 2.13 4.37
C MET B 187 10.86 0.98 4.33
N LEU B 188 10.26 0.76 3.16
CA LEU B 188 9.28 -0.29 2.98
C LEU B 188 9.98 -1.63 3.25
N GLY B 189 9.31 -2.54 3.94
CA GLY B 189 9.95 -3.79 4.30
C GLY B 189 9.74 -5.06 3.49
N THR B 190 9.08 -4.95 2.36
CA THR B 190 8.87 -6.13 1.53
C THR B 190 8.92 -5.74 0.06
N ALA B 191 8.92 -6.75 -0.81
CA ALA B 191 9.01 -6.50 -2.25
C ALA B 191 7.66 -6.13 -2.83
N ALA B 192 7.04 -5.10 -2.26
CA ALA B 192 5.73 -4.68 -2.71
C ALA B 192 5.62 -3.16 -2.63
N GLY B 193 4.41 -2.66 -2.86
CA GLY B 193 4.23 -1.22 -2.83
C GLY B 193 4.54 -0.62 -4.18
N PRO B 194 4.58 0.71 -4.27
CA PRO B 194 4.88 1.38 -5.54
C PRO B 194 6.33 1.26 -6.01
N HIS B 195 6.51 1.29 -7.32
CA HIS B 195 7.84 1.26 -7.91
C HIS B 195 8.49 2.49 -7.30
N PRO B 196 9.81 2.44 -7.02
CA PRO B 196 10.78 1.36 -7.20
C PRO B 196 10.98 0.33 -6.10
N TYR B 197 10.16 0.35 -5.06
CA TYR B 197 10.35 -0.59 -3.96
C TYR B 197 10.45 -2.06 -4.34
N PRO B 198 9.53 -2.57 -5.17
CA PRO B 198 9.64 -3.99 -5.52
C PRO B 198 11.01 -4.33 -6.12
N THR B 199 11.54 -3.42 -6.93
CA THR B 199 12.82 -3.61 -7.58
C THR B 199 13.98 -3.45 -6.59
N ILE B 200 13.92 -2.40 -5.77
CA ILE B 200 14.97 -2.16 -4.79
C ILE B 200 15.08 -3.28 -3.78
N VAL B 201 13.95 -3.70 -3.24
CA VAL B 201 13.92 -4.77 -2.24
C VAL B 201 14.51 -6.06 -2.81
N ARG B 202 14.16 -6.39 -4.04
CA ARG B 202 14.70 -7.59 -4.67
C ARG B 202 16.22 -7.51 -4.81
N GLU B 203 16.71 -6.39 -5.35
CA GLU B 203 18.13 -6.21 -5.55
C GLU B 203 18.92 -6.20 -4.25
N PHE B 204 18.33 -5.69 -3.19
CA PHE B 204 19.00 -5.66 -1.89
C PHE B 204 18.81 -6.97 -1.10
N GLN B 205 18.07 -7.93 -1.67
CA GLN B 205 17.87 -9.23 -1.02
C GLN B 205 18.41 -10.36 -1.90
N ARG B 206 18.84 -10.02 -3.10
CA ARG B 206 19.29 -11.06 -4.01
C ARG B 206 20.54 -11.84 -3.62
N MET B 207 21.26 -11.38 -2.61
CA MET B 207 22.44 -12.11 -2.19
C MET B 207 22.05 -13.46 -1.60
N ILE B 208 20.79 -13.58 -1.16
CA ILE B 208 20.31 -14.84 -0.59
C ILE B 208 20.45 -15.93 -1.66
N GLY B 209 19.88 -15.67 -2.83
CA GLY B 209 19.94 -16.62 -3.93
C GLY B 209 21.35 -16.75 -4.48
N GLU B 210 22.08 -15.64 -4.55
CA GLU B 210 23.44 -15.70 -5.07
C GLU B 210 24.32 -16.61 -4.25
N GLU B 211 24.27 -16.47 -2.92
CA GLU B 211 25.06 -17.32 -2.05
C GLU B 211 24.57 -18.77 -2.13
N THR B 212 23.25 -18.94 -2.13
CA THR B 212 22.69 -20.29 -2.19
C THR B 212 23.20 -21.03 -3.43
N LYS B 213 23.24 -20.33 -4.56
CA LYS B 213 23.71 -20.97 -5.80
C LYS B 213 25.18 -21.39 -5.66
N ALA B 214 26.01 -20.49 -5.14
CA ALA B 214 27.42 -20.79 -4.96
C ALA B 214 27.64 -21.94 -3.99
N GLN B 215 26.89 -21.93 -2.89
CA GLN B 215 27.02 -22.97 -1.87
C GLN B 215 26.50 -24.33 -2.34
N ILE B 216 25.36 -24.36 -3.03
CA ILE B 216 24.82 -25.63 -3.50
C ILE B 216 25.72 -26.23 -4.59
N LEU B 217 26.31 -25.39 -5.44
CA LEU B 217 27.20 -25.87 -6.50
C LEU B 217 28.45 -26.46 -5.84
N ASP B 218 28.95 -25.78 -4.82
CA ASP B 218 30.13 -26.25 -4.11
C ASP B 218 29.87 -27.58 -3.37
N LYS B 219 28.68 -27.71 -2.78
CA LYS B 219 28.32 -28.90 -2.01
C LYS B 219 27.73 -30.07 -2.79
N GLU B 220 26.98 -29.78 -3.84
CA GLU B 220 26.35 -30.84 -4.63
C GLU B 220 26.80 -30.90 -6.08
N GLY B 221 27.51 -29.87 -6.53
CA GLY B 221 27.99 -29.85 -7.90
C GLY B 221 26.91 -29.64 -8.93
N ARG B 222 25.73 -29.20 -8.48
CA ARG B 222 24.62 -28.96 -9.38
C ARG B 222 23.60 -28.04 -8.73
N LEU B 223 22.75 -27.44 -9.55
CA LEU B 223 21.70 -26.54 -9.05
C LEU B 223 20.59 -27.35 -8.40
N PRO B 224 19.77 -26.70 -7.54
CA PRO B 224 18.67 -27.39 -6.87
C PRO B 224 17.57 -27.73 -7.87
N ASP B 225 16.76 -28.72 -7.55
CA ASP B 225 15.64 -29.06 -8.41
C ASP B 225 14.59 -28.00 -8.14
N ALA B 226 14.63 -27.43 -6.93
CA ALA B 226 13.68 -26.39 -6.57
C ALA B 226 14.07 -25.65 -5.31
N VAL B 227 13.79 -24.35 -5.29
CA VAL B 227 14.04 -23.53 -4.11
C VAL B 227 12.66 -23.13 -3.64
N ILE B 228 12.47 -23.16 -2.32
CA ILE B 228 11.17 -22.91 -1.71
C ILE B 228 11.22 -21.84 -0.65
N ALA B 229 10.29 -20.88 -0.72
CA ALA B 229 10.23 -19.77 0.25
C ALA B 229 8.80 -19.34 0.55
N CYS B 230 8.56 -18.86 1.76
CA CYS B 230 7.23 -18.39 2.13
C CYS B 230 7.05 -17.03 1.48
N VAL B 231 5.81 -16.64 1.24
CA VAL B 231 5.51 -15.37 0.59
C VAL B 231 4.47 -14.56 1.35
N GLY B 232 4.90 -13.48 1.98
CA GLY B 232 3.98 -12.60 2.67
C GLY B 232 3.83 -11.44 1.70
N GLY B 233 4.85 -10.60 1.64
CA GLY B 233 4.86 -9.48 0.71
C GLY B 233 5.71 -9.94 -0.48
N GLY B 234 6.64 -10.86 -0.20
CA GLY B 234 7.50 -11.41 -1.23
C GLY B 234 8.99 -11.15 -1.21
N SER B 235 9.51 -10.47 -0.19
CA SER B 235 10.94 -10.15 -0.18
C SER B 235 11.91 -11.31 -0.02
N ASN B 236 11.70 -12.18 0.97
CA ASN B 236 12.65 -13.28 1.12
C ASN B 236 12.56 -14.23 -0.07
N ALA B 237 11.36 -14.45 -0.59
CA ALA B 237 11.21 -15.35 -1.73
C ALA B 237 11.87 -14.79 -2.98
N ILE B 238 11.63 -13.51 -3.29
CA ILE B 238 12.25 -12.96 -4.48
C ILE B 238 13.77 -12.88 -4.29
N GLY B 239 14.21 -12.69 -3.06
CA GLY B 239 15.64 -12.64 -2.78
C GLY B 239 16.28 -14.00 -3.09
N MET B 240 15.55 -15.07 -2.77
CA MET B 240 16.04 -16.42 -3.04
C MET B 240 15.92 -16.73 -4.55
N PHE B 241 14.80 -16.34 -5.13
CA PHE B 241 14.51 -16.60 -6.55
C PHE B 241 15.36 -15.91 -7.60
N ALA B 242 15.53 -14.60 -7.44
CA ALA B 242 16.22 -13.76 -8.42
C ALA B 242 17.37 -14.36 -9.21
N ASP B 243 18.40 -14.85 -8.53
CA ASP B 243 19.55 -15.39 -9.23
C ASP B 243 19.30 -16.71 -9.97
N PHE B 244 18.15 -17.33 -9.73
CA PHE B 244 17.81 -18.60 -10.38
C PHE B 244 16.76 -18.46 -11.49
N ILE B 245 16.20 -17.26 -11.65
CA ILE B 245 15.17 -17.05 -12.67
C ILE B 245 15.61 -17.50 -14.06
N ASN B 246 16.84 -17.19 -14.45
CA ASN B 246 17.35 -17.57 -15.76
C ASN B 246 17.81 -19.05 -15.82
N ASP B 247 17.76 -19.73 -14.68
CA ASP B 247 18.14 -21.15 -14.61
C ASP B 247 16.82 -21.90 -14.69
N THR B 248 16.29 -22.03 -15.90
CA THR B 248 15.00 -22.67 -16.13
C THR B 248 14.76 -24.04 -15.50
N SER B 249 15.82 -24.80 -15.25
CA SER B 249 15.66 -26.13 -14.65
C SER B 249 15.33 -26.07 -13.16
N VAL B 250 15.58 -24.92 -12.54
CA VAL B 250 15.31 -24.78 -11.11
C VAL B 250 13.90 -24.30 -10.86
N GLY B 251 13.12 -25.11 -10.16
CA GLY B 251 11.76 -24.73 -9.86
C GLY B 251 11.77 -23.66 -8.78
N LEU B 252 10.86 -22.71 -8.90
CA LEU B 252 10.73 -21.62 -7.92
C LEU B 252 9.37 -21.78 -7.28
N ILE B 253 9.36 -22.11 -5.99
CA ILE B 253 8.10 -22.34 -5.29
C ILE B 253 7.85 -21.37 -4.13
N GLY B 254 6.77 -20.60 -4.26
CA GLY B 254 6.40 -19.66 -3.22
C GLY B 254 5.25 -20.23 -2.41
N VAL B 255 5.31 -20.06 -1.10
CA VAL B 255 4.27 -20.58 -0.21
C VAL B 255 3.50 -19.49 0.53
N GLU B 256 2.22 -19.35 0.19
CA GLU B 256 1.35 -18.38 0.82
C GLU B 256 0.69 -19.05 2.02
N PRO B 257 0.31 -18.26 3.03
CA PRO B 257 -0.33 -18.88 4.19
C PRO B 257 -1.78 -19.26 3.91
N GLY B 258 -2.14 -20.50 4.24
CA GLY B 258 -3.50 -20.95 4.03
C GLY B 258 -4.36 -20.71 5.26
N GLY B 259 -3.76 -20.22 6.33
CA GLY B 259 -4.50 -19.93 7.55
C GLY B 259 -5.30 -21.13 8.06
N HIS B 260 -6.60 -20.93 8.26
CA HIS B 260 -7.46 -22.01 8.75
C HIS B 260 -7.94 -22.89 7.61
N GLY B 261 -7.52 -22.55 6.40
CA GLY B 261 -7.92 -23.30 5.23
C GLY B 261 -8.44 -22.32 4.19
N ILE B 262 -8.05 -22.51 2.93
CA ILE B 262 -8.49 -21.60 1.89
C ILE B 262 -10.01 -21.48 1.87
N GLU B 263 -10.69 -22.61 2.03
CA GLU B 263 -12.14 -22.64 1.98
C GLU B 263 -12.84 -21.88 3.10
N THR B 264 -12.11 -21.59 4.18
CA THR B 264 -12.70 -20.87 5.30
C THR B 264 -12.68 -19.37 5.04
N GLY B 265 -11.89 -18.95 4.04
CA GLY B 265 -11.80 -17.54 3.73
C GLY B 265 -10.85 -16.83 4.67
N GLU B 266 -10.35 -17.58 5.66
CA GLU B 266 -9.43 -17.02 6.64
C GLU B 266 -8.01 -17.48 6.27
N HIS B 267 -7.39 -16.71 5.39
CA HIS B 267 -6.04 -17.02 4.91
C HIS B 267 -5.37 -15.76 4.41
N GLY B 268 -4.18 -15.92 3.83
CA GLY B 268 -3.45 -14.79 3.28
C GLY B 268 -2.82 -15.21 1.98
N ALA B 269 -3.62 -15.79 1.09
CA ALA B 269 -3.13 -16.27 -0.18
C ALA B 269 -3.78 -15.58 -1.38
N PRO B 270 -3.58 -14.27 -1.51
CA PRO B 270 -4.17 -13.53 -2.62
C PRO B 270 -3.65 -13.89 -4.01
N LEU B 271 -2.38 -14.29 -4.11
CA LEU B 271 -1.81 -14.60 -5.41
C LEU B 271 -2.59 -15.70 -6.12
N LYS B 272 -2.92 -16.77 -5.41
CA LYS B 272 -3.67 -17.86 -6.02
C LYS B 272 -5.17 -17.83 -5.77
N HIS B 273 -5.59 -17.18 -4.69
CA HIS B 273 -7.01 -17.15 -4.37
C HIS B 273 -7.60 -15.75 -4.23
N GLY B 274 -6.90 -14.77 -4.78
CA GLY B 274 -7.39 -13.40 -4.75
C GLY B 274 -7.73 -12.93 -6.15
N ARG B 275 -7.82 -11.61 -6.33
CA ARG B 275 -8.17 -11.03 -7.62
C ARG B 275 -7.33 -9.76 -7.79
N VAL B 276 -6.84 -9.52 -9.00
CA VAL B 276 -6.02 -8.33 -9.21
C VAL B 276 -6.78 -7.06 -8.85
N GLY B 277 -6.08 -6.14 -8.20
CA GLY B 277 -6.67 -4.87 -7.79
C GLY B 277 -5.59 -3.80 -7.65
N ILE B 278 -5.99 -2.63 -7.15
CA ILE B 278 -5.04 -1.55 -6.97
C ILE B 278 -5.10 -1.09 -5.53
N TYR B 279 -3.98 -1.24 -4.83
CA TYR B 279 -3.90 -0.87 -3.42
C TYR B 279 -2.42 -0.84 -3.02
N PHE B 280 -2.12 -0.04 -2.01
CA PHE B 280 -0.76 0.12 -1.50
C PHE B 280 0.21 0.52 -2.62
N GLY B 281 -0.25 1.38 -3.52
CA GLY B 281 0.57 1.88 -4.61
C GLY B 281 0.87 0.94 -5.76
N MET B 282 0.23 -0.22 -5.81
CA MET B 282 0.51 -1.16 -6.87
C MET B 282 -0.71 -1.88 -7.40
N LYS B 283 -0.58 -2.43 -8.60
CA LYS B 283 -1.63 -3.25 -9.19
C LYS B 283 -1.12 -4.67 -8.96
N ALA B 284 -1.82 -5.42 -8.13
CA ALA B 284 -1.38 -6.78 -7.81
C ALA B 284 -2.53 -7.59 -7.26
N PRO B 285 -2.37 -8.92 -7.15
CA PRO B 285 -3.43 -9.77 -6.62
C PRO B 285 -3.78 -9.30 -5.20
N MET B 286 -5.07 -9.18 -4.94
CA MET B 286 -5.58 -8.73 -3.65
C MET B 286 -6.71 -9.63 -3.17
N MET B 287 -6.86 -9.70 -1.86
CA MET B 287 -7.98 -10.44 -1.28
C MET B 287 -8.99 -9.32 -1.17
N GLN B 288 -10.09 -9.42 -1.91
CA GLN B 288 -11.08 -8.35 -1.88
C GLN B 288 -12.51 -8.84 -2.06
N THR B 289 -13.46 -8.01 -1.65
CA THR B 289 -14.89 -8.33 -1.77
C THR B 289 -15.32 -8.16 -3.22
N ALA B 290 -16.53 -8.59 -3.52
CA ALA B 290 -17.05 -8.46 -4.87
C ALA B 290 -17.11 -6.98 -5.20
N ASP B 291 -17.35 -6.17 -4.17
CA ASP B 291 -17.45 -4.71 -4.27
C ASP B 291 -16.13 -4.00 -4.52
N GLY B 292 -15.02 -4.70 -4.29
CA GLY B 292 -13.73 -4.09 -4.49
C GLY B 292 -13.13 -3.55 -3.20
N GLN B 293 -13.70 -3.92 -2.06
CA GLN B 293 -13.16 -3.49 -0.78
C GLN B 293 -12.02 -4.45 -0.46
N ILE B 294 -11.00 -4.00 0.25
CA ILE B 294 -9.89 -4.88 0.57
C ILE B 294 -10.31 -5.80 1.72
N GLU B 295 -10.10 -7.11 1.56
CA GLU B 295 -10.45 -8.07 2.60
C GLU B 295 -9.32 -8.15 3.62
N GLU B 296 -9.68 -8.53 4.85
CA GLU B 296 -8.67 -8.67 5.88
C GLU B 296 -8.17 -10.10 5.74
N SER B 297 -6.86 -10.28 5.86
CA SER B 297 -6.27 -11.61 5.74
C SER B 297 -6.06 -12.24 7.10
N TYR B 298 -5.62 -13.50 7.11
CA TYR B 298 -5.35 -14.20 8.36
C TYR B 298 -4.28 -15.26 8.21
N SER B 299 -3.43 -15.36 9.23
CA SER B 299 -2.41 -16.39 9.30
C SER B 299 -1.93 -16.47 10.73
N ILE B 300 -1.54 -17.66 11.17
CA ILE B 300 -1.02 -17.83 12.51
C ILE B 300 0.28 -17.00 12.57
N SER B 301 0.92 -16.84 11.41
CA SER B 301 2.16 -16.08 11.28
C SER B 301 1.90 -14.61 10.96
N ALA B 302 2.32 -13.72 11.87
CA ALA B 302 2.14 -12.28 11.68
C ALA B 302 2.80 -11.76 10.41
N GLY B 303 4.00 -12.27 10.13
CA GLY B 303 4.72 -11.83 8.95
C GLY B 303 4.10 -12.20 7.61
N LEU B 304 3.12 -13.10 7.62
CA LEU B 304 2.47 -13.50 6.37
C LEU B 304 1.03 -13.00 6.32
N ASP B 305 0.59 -12.34 7.38
CA ASP B 305 -0.78 -11.83 7.45
C ASP B 305 -0.90 -10.56 6.60
N PHE B 306 -0.95 -10.73 5.29
CA PHE B 306 -1.05 -9.59 4.38
C PHE B 306 -1.99 -9.93 3.22
N PRO B 307 -3.01 -9.08 2.97
CA PRO B 307 -3.99 -9.31 1.91
C PRO B 307 -3.52 -9.14 0.46
N SER B 308 -2.25 -8.83 0.24
CA SER B 308 -1.74 -8.70 -1.13
C SER B 308 -0.39 -9.41 -1.29
N VAL B 309 0.31 -9.14 -2.38
CA VAL B 309 1.60 -9.78 -2.65
C VAL B 309 2.38 -8.95 -3.67
N GLY B 310 3.70 -9.05 -3.64
CA GLY B 310 4.55 -8.29 -4.56
C GLY B 310 4.22 -8.52 -6.02
N PRO B 311 4.30 -7.48 -6.88
CA PRO B 311 3.99 -7.61 -8.30
C PRO B 311 4.84 -8.57 -9.12
N GLN B 312 6.11 -8.73 -8.76
CA GLN B 312 6.96 -9.63 -9.54
C GLN B 312 6.54 -11.09 -9.33
N HIS B 313 6.00 -11.41 -8.16
CA HIS B 313 5.55 -12.78 -7.91
C HIS B 313 4.32 -13.06 -8.75
N ALA B 314 3.43 -12.07 -8.81
CA ALA B 314 2.20 -12.21 -9.61
C ALA B 314 2.59 -12.42 -11.08
N TYR B 315 3.64 -11.74 -11.52
CA TYR B 315 4.12 -11.86 -12.89
C TYR B 315 4.78 -13.22 -13.15
N LEU B 316 5.69 -13.62 -12.26
CA LEU B 316 6.37 -14.90 -12.42
C LEU B 316 5.35 -16.03 -12.43
N ASN B 317 4.28 -15.87 -11.65
CA ASN B 317 3.24 -16.90 -11.65
C ASN B 317 2.48 -16.90 -12.97
N SER B 318 2.08 -15.72 -13.43
CA SER B 318 1.33 -15.62 -14.67
C SER B 318 2.01 -16.29 -15.88
N ILE B 319 3.32 -16.15 -15.98
CA ILE B 319 4.06 -16.73 -17.10
C ILE B 319 4.49 -18.18 -16.84
N GLY B 320 4.18 -18.69 -15.67
CA GLY B 320 4.55 -20.07 -15.35
C GLY B 320 5.97 -20.33 -14.92
N ARG B 321 6.75 -19.29 -14.67
CA ARG B 321 8.14 -19.48 -14.24
C ARG B 321 8.22 -19.95 -12.79
N ALA B 322 7.34 -19.43 -11.94
CA ALA B 322 7.31 -19.81 -10.54
C ALA B 322 5.94 -20.36 -10.18
N ASP B 323 5.89 -21.33 -9.27
CA ASP B 323 4.63 -21.90 -8.85
C ASP B 323 4.35 -21.52 -7.41
N TYR B 324 3.09 -21.26 -7.11
CA TYR B 324 2.72 -20.87 -5.76
C TYR B 324 1.70 -21.82 -5.19
N VAL B 325 1.90 -22.13 -3.92
CA VAL B 325 1.04 -23.05 -3.19
C VAL B 325 0.72 -22.43 -1.84
N SER B 326 -0.10 -23.11 -1.04
CA SER B 326 -0.41 -22.61 0.28
C SER B 326 -0.22 -23.69 1.33
N ILE B 327 -0.01 -23.27 2.57
CA ILE B 327 0.20 -24.14 3.71
C ILE B 327 -0.61 -23.57 4.87
N THR B 328 -1.38 -24.43 5.53
CA THR B 328 -2.25 -24.01 6.62
C THR B 328 -1.51 -23.84 7.95
N ASP B 329 -2.16 -23.18 8.89
CA ASP B 329 -1.59 -22.97 10.23
C ASP B 329 -1.07 -24.30 10.79
N ASP B 330 -1.91 -25.32 10.76
CA ASP B 330 -1.52 -26.62 11.29
C ASP B 330 -0.34 -27.27 10.62
N GLU B 331 -0.25 -27.14 9.30
CA GLU B 331 0.88 -27.74 8.58
C GLU B 331 2.15 -26.98 8.96
N ALA B 332 2.06 -25.66 9.07
CA ALA B 332 3.24 -24.88 9.45
C ALA B 332 3.68 -25.20 10.87
N LEU B 333 2.72 -25.41 11.77
CA LEU B 333 3.02 -25.73 13.16
C LEU B 333 3.72 -27.08 13.26
N GLU B 334 3.30 -28.03 12.43
CA GLU B 334 3.92 -29.36 12.45
C GLU B 334 5.36 -29.27 11.95
N ALA B 335 5.59 -28.44 10.94
CA ALA B 335 6.93 -28.27 10.39
C ALA B 335 7.82 -27.63 11.45
N PHE B 336 7.27 -26.66 12.16
CA PHE B 336 7.99 -25.96 13.23
C PHE B 336 8.46 -26.96 14.28
N LYS B 337 7.56 -27.77 14.78
CA LYS B 337 7.90 -28.78 15.80
C LYS B 337 8.93 -29.78 15.27
N THR B 338 8.74 -30.19 14.02
CA THR B 338 9.62 -31.16 13.38
C THR B 338 11.06 -30.63 13.26
N LEU B 339 11.22 -29.38 12.88
CA LEU B 339 12.56 -28.84 12.74
C LEU B 339 13.22 -28.71 14.11
N CYS B 340 12.47 -28.29 15.11
CA CYS B 340 13.01 -28.13 16.46
C CYS B 340 13.54 -29.45 16.99
N ARG B 341 12.70 -30.47 16.90
CA ARG B 341 13.04 -31.78 17.43
C ARG B 341 14.04 -32.62 16.63
N HIS B 342 14.06 -32.45 15.31
CA HIS B 342 14.96 -33.25 14.50
C HIS B 342 16.25 -32.59 14.00
N GLU B 343 16.28 -31.26 13.93
CA GLU B 343 17.49 -30.59 13.48
C GLU B 343 18.01 -29.58 14.51
N GLY B 344 17.28 -29.40 15.60
CA GLY B 344 17.71 -28.45 16.62
C GLY B 344 17.69 -27.00 16.18
N ILE B 345 16.83 -26.67 15.23
CA ILE B 345 16.70 -25.29 14.74
C ILE B 345 15.26 -24.84 14.95
N ILE B 346 15.07 -23.71 15.63
CA ILE B 346 13.74 -23.19 15.87
C ILE B 346 13.51 -22.13 14.81
N PRO B 347 12.63 -22.42 13.84
CA PRO B 347 12.32 -21.51 12.73
C PRO B 347 11.16 -20.56 13.02
N ALA B 348 11.14 -19.43 12.34
CA ALA B 348 10.04 -18.50 12.49
C ALA B 348 8.84 -19.24 11.93
N LEU B 349 7.64 -18.92 12.41
CA LEU B 349 6.44 -19.57 11.87
C LEU B 349 6.28 -19.22 10.39
N GLU B 350 6.78 -18.06 9.98
CA GLU B 350 6.69 -17.68 8.57
C GLU B 350 7.46 -18.71 7.74
N SER B 351 8.73 -18.92 8.10
CA SER B 351 9.61 -19.84 7.42
C SER B 351 9.07 -21.27 7.46
N SER B 352 8.38 -21.60 8.55
CA SER B 352 7.81 -22.92 8.73
C SER B 352 6.83 -23.29 7.62
N HIS B 353 6.23 -22.28 6.99
CA HIS B 353 5.30 -22.58 5.89
C HIS B 353 6.11 -23.13 4.72
N ALA B 354 7.28 -22.55 4.47
CA ALA B 354 8.12 -23.02 3.36
C ALA B 354 8.57 -24.44 3.67
N LEU B 355 9.08 -24.65 4.89
CA LEU B 355 9.53 -25.98 5.28
C LEU B 355 8.39 -26.99 5.17
N ALA B 356 7.22 -26.59 5.65
CA ALA B 356 6.05 -27.49 5.59
C ALA B 356 5.80 -27.96 4.16
N HIS B 357 5.92 -27.08 3.19
CA HIS B 357 5.69 -27.52 1.82
C HIS B 357 6.81 -28.45 1.32
N ALA B 358 8.04 -28.18 1.72
CA ALA B 358 9.15 -29.03 1.32
C ALA B 358 8.89 -30.44 1.89
N LEU B 359 8.43 -30.49 3.13
CA LEU B 359 8.15 -31.77 3.79
C LEU B 359 7.04 -32.51 3.06
N LYS B 360 6.09 -31.77 2.53
CA LYS B 360 4.98 -32.36 1.79
C LYS B 360 5.51 -32.92 0.47
N MET B 361 6.41 -32.18 -0.19
CA MET B 361 6.96 -32.64 -1.45
C MET B 361 7.70 -33.95 -1.24
N MET B 362 8.39 -34.04 -0.11
CA MET B 362 9.13 -35.23 0.25
C MET B 362 8.22 -36.40 0.65
N ARG B 363 7.31 -36.15 1.59
CA ARG B 363 6.40 -37.19 2.08
C ARG B 363 5.44 -37.74 1.04
N GLU B 364 4.98 -36.87 0.16
CA GLU B 364 4.03 -37.29 -0.87
C GLU B 364 4.62 -38.26 -1.90
N GLN B 365 5.91 -38.11 -2.19
CA GLN B 365 6.59 -38.96 -3.16
C GLN B 365 7.99 -39.24 -2.60
N PRO B 366 8.05 -40.08 -1.57
CA PRO B 366 9.29 -40.46 -0.88
C PRO B 366 10.38 -41.12 -1.72
N GLU B 367 10.03 -41.68 -2.87
CA GLU B 367 11.00 -42.31 -3.77
C GLU B 367 11.42 -41.38 -4.89
N LYS B 368 10.91 -40.15 -4.89
CA LYS B 368 11.29 -39.20 -5.92
C LYS B 368 12.62 -38.59 -5.53
N GLU B 369 13.62 -38.72 -6.39
CA GLU B 369 14.92 -38.14 -6.10
C GLU B 369 14.84 -36.64 -6.33
N GLN B 370 15.07 -35.85 -5.30
CA GLN B 370 15.00 -34.41 -5.48
C GLN B 370 15.88 -33.65 -4.49
N LEU B 371 16.54 -32.61 -4.99
CA LEU B 371 17.43 -31.76 -4.19
C LEU B 371 16.67 -30.45 -3.98
N LEU B 372 16.32 -30.17 -2.74
CA LEU B 372 15.55 -28.97 -2.42
C LEU B 372 16.24 -28.02 -1.48
N VAL B 373 15.93 -26.74 -1.63
CA VAL B 373 16.48 -25.72 -0.74
C VAL B 373 15.31 -24.92 -0.22
N VAL B 374 15.24 -24.79 1.10
CA VAL B 374 14.18 -24.01 1.73
C VAL B 374 14.86 -22.79 2.31
N ASN B 375 14.28 -21.62 2.08
CA ASN B 375 14.85 -20.40 2.60
C ASN B 375 14.35 -20.30 4.04
N LEU B 376 15.23 -20.47 5.02
CA LEU B 376 14.80 -20.34 6.42
C LEU B 376 14.95 -18.85 6.69
N SER B 377 13.91 -18.11 6.35
CA SER B 377 13.92 -16.65 6.47
C SER B 377 14.20 -16.05 7.84
N GLY B 378 13.92 -16.78 8.91
CA GLY B 378 14.19 -16.24 10.24
C GLY B 378 14.09 -17.25 11.36
N ARG B 379 14.57 -16.88 12.55
CA ARG B 379 14.50 -17.77 13.69
C ARG B 379 13.16 -17.60 14.41
N GLY B 380 12.73 -18.64 15.13
CA GLY B 380 11.44 -18.59 15.79
C GLY B 380 11.35 -18.20 17.25
N ASP B 381 12.36 -17.50 17.76
CA ASP B 381 12.36 -17.07 19.14
C ASP B 381 11.14 -16.17 19.43
N LYS B 382 10.75 -15.37 18.44
CA LYS B 382 9.61 -14.46 18.56
C LYS B 382 8.27 -15.20 18.61
N ASP B 383 8.27 -16.47 18.19
CA ASP B 383 7.03 -17.25 18.17
C ASP B 383 6.94 -18.28 19.30
N ILE B 384 7.97 -18.31 20.14
CA ILE B 384 8.03 -19.26 21.24
C ILE B 384 6.81 -19.27 22.16
N PHE B 385 6.32 -18.08 22.51
CA PHE B 385 5.17 -17.98 23.40
C PHE B 385 3.86 -18.33 22.72
N THR B 386 3.77 -18.07 21.42
CA THR B 386 2.55 -18.38 20.66
C THR B 386 2.44 -19.88 20.44
N VAL B 387 3.51 -20.51 20.01
CA VAL B 387 3.51 -21.94 19.76
C VAL B 387 3.23 -22.72 21.03
N HIS B 388 3.74 -22.22 22.16
CA HIS B 388 3.54 -22.87 23.45
C HIS B 388 2.08 -22.72 23.89
N ASP B 389 1.56 -21.51 23.77
CA ASP B 389 0.17 -21.23 24.15
C ASP B 389 -0.81 -22.03 23.29
N ILE B 390 -0.34 -22.58 22.18
CA ILE B 390 -1.18 -23.37 21.31
C ILE B 390 -1.00 -24.86 21.61
N LEU B 391 0.25 -25.31 21.63
CA LEU B 391 0.52 -26.71 21.93
C LEU B 391 0.02 -27.07 23.32
N LYS B 392 -0.31 -26.05 24.10
CA LYS B 392 -0.82 -26.25 25.45
C LYS B 392 -2.30 -26.62 25.39
N ALA B 393 -3.06 -25.89 24.59
CA ALA B 393 -4.49 -26.15 24.43
C ALA B 393 -4.68 -27.59 23.95
N ARG B 394 -3.65 -28.14 23.33
CA ARG B 394 -3.71 -29.51 22.83
C ARG B 394 -2.97 -30.44 23.80
N GLY B 395 -3.11 -30.24 25.02
N1 FOO C . 10.02 -14.59 7.15
C2 FOO C . 10.28 -13.84 8.25
C2A FOO C . 11.16 -14.34 9.32
C3 FOO C . 9.54 -12.53 8.46
O3 FOO C . 9.80 -11.87 9.57
C4 FOO C . 8.62 -12.02 7.42
C5 FOO C . 8.39 -12.91 6.33
C6 FOO C . 9.18 -14.14 6.21
C5A FOO C . 7.68 -12.53 5.04
O4P FOO C . 7.85 -11.22 4.46
P FOO C . 8.30 -11.36 3.11
O1P FOO C . 8.40 -10.13 2.43
O2P FOO C . 9.54 -11.98 2.82
O3P FOO C . 7.32 -12.00 2.31
N FOO C . 5.95 -8.49 7.93
CA FOO C . 6.98 -8.66 8.57
C FOO C . 7.72 -7.58 9.17
O FOO C . 7.77 -6.41 8.76
CB FOO C . 7.70 -9.92 8.59
OXT FOO C . 8.52 -7.94 10.20
C7 FOO C . 7.99 -10.78 7.53
NA NA D . 0.54 -11.89 1.02
#